data_3M5N
#
_entry.id   3M5N
#
_cell.length_a   67.315
_cell.length_b   58.894
_cell.length_c   98.267
_cell.angle_alpha   90.00
_cell.angle_beta   101.01
_cell.angle_gamma   90.00
#
_symmetry.space_group_name_H-M   'P 1 21 1'
#
loop_
_entity.id
_entity.type
_entity.pdbx_description
1 polymer NS3/4A
2 polymer 'SECTTPC peptide'
3 non-polymer 'SULFATE ION'
4 non-polymer 'ZINC ION'
5 water water
#
loop_
_entity_poly.entity_id
_entity_poly.type
_entity_poly.pdbx_seq_one_letter_code
_entity_poly.pdbx_strand_id
1 'polypeptide(L)'
;GSHMASMKKKGSVVIVGRINLSGDTAYAQQTRGEEGCQETSQTGRDKNQVEGEVQIVSTATQTFLATSINGVLWTVYHGA
GTRTIASPKGPVTQMYTNVDKDLVGWQAPQGSRSLTPCTCGSSDLYLVTRHADVIPVRRRGDSRGSLLSPRPISYLKGSA
GGPLLCPAGHAVGIFRAAVSTRGVAKAVDFIPVESLETTMRSP
;
A,B,C,D
2 'polypeptide(L)' SECTTPC F,G,H
#
# COMPACT_ATOMS: atom_id res chain seq x y z
N SER A 2 -4.35 8.70 -64.01
CA SER A 2 -4.44 10.18 -63.90
C SER A 2 -3.63 10.73 -62.72
N HIS A 3 -3.47 12.05 -62.68
CA HIS A 3 -2.82 12.74 -61.57
C HIS A 3 -3.58 12.57 -60.24
N MET A 4 -4.89 12.77 -60.25
CA MET A 4 -5.71 12.53 -59.05
C MET A 4 -5.71 11.08 -58.62
N ALA A 5 -6.00 10.17 -59.54
CA ALA A 5 -6.03 8.75 -59.23
C ALA A 5 -4.67 8.19 -58.76
N SER A 6 -3.57 8.89 -59.02
CA SER A 6 -2.28 8.45 -58.49
C SER A 6 -1.88 9.14 -57.16
N MET A 7 -2.78 9.95 -56.59
CA MET A 7 -2.46 10.70 -55.37
C MET A 7 -2.56 9.77 -54.16
N LYS A 8 -1.47 9.70 -53.40
CA LYS A 8 -1.35 8.78 -52.28
C LYS A 8 -1.91 9.40 -51.00
N LYS A 9 -2.22 8.56 -50.02
CA LYS A 9 -2.64 9.10 -48.73
C LYS A 9 -1.61 8.73 -47.65
N LYS A 10 -1.41 9.67 -46.72
CA LYS A 10 -0.55 9.42 -45.59
C LYS A 10 -1.21 8.26 -44.88
N GLY A 11 -0.39 7.34 -44.41
CA GLY A 11 -0.93 6.25 -43.63
C GLY A 11 -1.31 6.72 -42.24
N SER A 12 -1.78 5.75 -41.47
CA SER A 12 -2.04 5.97 -40.06
C SER A 12 -0.75 5.78 -39.27
N VAL A 13 -0.67 6.48 -38.15
CA VAL A 13 0.24 6.12 -37.08
C VAL A 13 -0.07 4.69 -36.62
N VAL A 14 0.97 3.92 -36.39
CA VAL A 14 0.84 2.54 -35.99
C VAL A 14 1.60 2.28 -34.70
N ILE A 15 0.94 1.60 -33.77
CA ILE A 15 1.57 1.22 -32.53
C ILE A 15 2.47 0.01 -32.83
N VAL A 16 3.75 0.10 -32.50
CA VAL A 16 4.69 -0.96 -32.89
C VAL A 16 5.42 -1.53 -31.69
N GLY A 17 5.13 -1.02 -30.50
CA GLY A 17 5.68 -1.56 -29.29
C GLY A 17 5.24 -0.72 -28.13
N ARG A 18 5.86 -0.97 -26.98
CA ARG A 18 5.52 -0.27 -25.74
C ARG A 18 6.70 -0.19 -24.80
N ILE A 19 6.65 0.78 -23.91
CA ILE A 19 7.59 0.88 -22.81
C ILE A 19 6.83 0.33 -21.59
N ASN A 20 7.28 -0.82 -21.10
CA ASN A 20 6.62 -1.51 -20.00
C ASN A 20 7.18 -0.96 -18.70
N LEU A 21 6.29 -0.32 -17.94
CA LEU A 21 6.62 0.36 -16.69
C LEU A 21 5.77 -0.12 -15.53
N SER A 22 5.06 -1.24 -15.72
CA SER A 22 4.08 -1.70 -14.74
C SER A 22 4.71 -2.70 -13.75
N GLY A 23 5.99 -3.01 -13.93
CA GLY A 23 6.69 -3.98 -13.05
C GLY A 23 7.75 -3.37 -12.16
N ASP A 24 8.78 -4.15 -11.86
CA ASP A 24 9.95 -3.64 -11.13
C ASP A 24 11.05 -3.17 -12.09
N THR A 25 10.86 -3.43 -13.38
CA THR A 25 11.87 -3.07 -14.41
C THR A 25 11.23 -2.33 -15.57
N ALA A 26 11.86 -1.25 -16.05
CA ALA A 26 11.42 -0.59 -17.26
C ALA A 26 12.13 -1.21 -18.45
N TYR A 27 11.38 -1.54 -19.50
CA TYR A 27 11.98 -2.10 -20.71
C TYR A 27 11.07 -1.96 -21.92
N ALA A 28 11.70 -1.80 -23.08
CA ALA A 28 10.99 -1.72 -24.36
C ALA A 28 10.57 -3.11 -24.86
N GLN A 29 9.41 -3.17 -25.50
CA GLN A 29 8.98 -4.38 -26.18
C GLN A 29 8.57 -4.02 -27.58
N GLN A 30 8.98 -4.81 -28.56
CA GLN A 30 8.45 -4.61 -29.90
C GLN A 30 7.25 -5.54 -30.06
N THR A 31 6.15 -5.03 -30.60
CA THR A 31 4.95 -5.83 -30.86
C THR A 31 4.61 -5.98 -32.34
N ARG A 32 5.22 -5.15 -33.19
CA ARG A 32 5.09 -5.27 -34.63
C ARG A 32 6.43 -5.01 -35.30
N GLY A 33 6.77 -5.81 -36.29
CA GLY A 33 7.94 -5.58 -37.13
C GLY A 33 7.61 -4.79 -38.38
N GLU A 34 8.63 -4.58 -39.20
CA GLU A 34 8.59 -3.66 -40.34
C GLU A 34 7.45 -3.90 -41.33
N GLU A 35 7.33 -5.13 -41.83
CA GLU A 35 6.29 -5.47 -42.81
C GLU A 35 4.90 -5.24 -42.23
N GLY A 36 4.68 -5.72 -41.01
CA GLY A 36 3.39 -5.57 -40.35
C GLY A 36 3.07 -4.11 -40.09
N CYS A 37 4.08 -3.33 -39.71
CA CYS A 37 3.87 -1.90 -39.51
C CYS A 37 3.41 -1.23 -40.80
N GLN A 38 4.08 -1.51 -41.91
CA GLN A 38 3.71 -0.91 -43.19
C GLN A 38 2.30 -1.26 -43.68
N GLU A 39 1.91 -2.52 -43.55
CA GLU A 39 0.56 -2.99 -43.91
C GLU A 39 -0.53 -2.32 -43.08
N THR A 40 -0.33 -2.31 -41.77
CA THR A 40 -1.24 -1.71 -40.81
C THR A 40 -1.36 -0.18 -41.01
N SER A 41 -0.28 0.46 -41.43
CA SER A 41 -0.31 1.89 -41.72
C SER A 41 -1.26 2.22 -42.88
N GLN A 42 -1.24 1.36 -43.89
CA GLN A 42 -2.04 1.65 -45.08
C GLN A 42 -3.51 1.27 -44.87
N THR A 43 -3.80 0.20 -44.13
CA THR A 43 -5.19 -0.18 -43.86
C THR A 43 -5.80 0.64 -42.74
N GLY A 44 -4.99 0.92 -41.71
CA GLY A 44 -5.47 1.57 -40.52
C GLY A 44 -6.12 0.56 -39.60
N ARG A 45 -5.98 -0.72 -39.89
CA ARG A 45 -6.61 -1.76 -39.07
C ARG A 45 -5.51 -2.51 -38.30
N ASP A 46 -5.50 -2.35 -36.99
CA ASP A 46 -4.50 -2.96 -36.11
C ASP A 46 -5.19 -3.98 -35.22
N LYS A 47 -4.90 -5.27 -35.43
CA LYS A 47 -5.55 -6.35 -34.71
C LYS A 47 -4.97 -6.56 -33.31
N ASN A 48 -3.73 -6.15 -33.09
CA ASN A 48 -3.07 -6.40 -31.81
C ASN A 48 -3.85 -5.77 -30.66
N GLN A 49 -3.88 -6.44 -29.51
CA GLN A 49 -4.42 -5.86 -28.28
C GLN A 49 -3.39 -4.89 -27.67
N VAL A 50 -3.80 -3.66 -27.38
CA VAL A 50 -2.93 -2.70 -26.72
C VAL A 50 -2.89 -2.96 -25.22
N GLU A 51 -1.75 -2.68 -24.61
CA GLU A 51 -1.58 -2.77 -23.17
C GLU A 51 -0.62 -1.69 -22.70
N GLY A 52 -0.82 -1.20 -21.48
CA GLY A 52 0.13 -0.25 -20.92
C GLY A 52 -0.22 1.18 -21.24
N GLU A 53 0.67 2.07 -20.78
CA GLU A 53 0.45 3.51 -20.76
C GLU A 53 1.31 4.23 -21.81
N VAL A 54 2.48 3.68 -22.10
CA VAL A 54 3.37 4.30 -23.07
C VAL A 54 3.53 3.36 -24.26
N GLN A 55 3.13 3.86 -25.43
CA GLN A 55 3.25 3.13 -26.69
C GLN A 55 4.44 3.67 -27.47
N ILE A 56 5.06 2.81 -28.26
CA ILE A 56 6.05 3.16 -29.27
C ILE A 56 5.27 3.17 -30.56
N VAL A 57 5.27 4.28 -31.27
CA VAL A 57 4.49 4.46 -32.49
C VAL A 57 5.36 4.82 -33.69
N SER A 58 4.89 4.46 -34.89
CA SER A 58 5.58 4.74 -36.13
C SER A 58 4.69 5.34 -37.22
N THR A 59 5.31 6.18 -38.03
CA THR A 59 4.76 6.61 -39.31
C THR A 59 5.75 5.99 -40.31
N ALA A 60 5.59 6.25 -41.60
CA ALA A 60 6.58 5.70 -42.55
C ALA A 60 8.00 6.23 -42.35
N THR A 61 8.13 7.40 -41.72
CA THR A 61 9.40 8.13 -41.67
C THR A 61 10.00 8.28 -40.29
N GLN A 62 9.20 8.08 -39.24
CA GLN A 62 9.64 8.34 -37.87
C GLN A 62 9.11 7.30 -36.87
N THR A 63 9.87 7.04 -35.82
CA THR A 63 9.38 6.30 -34.69
C THR A 63 9.50 7.21 -33.45
N PHE A 64 8.45 7.25 -32.65
CA PHE A 64 8.41 8.07 -31.45
C PHE A 64 7.46 7.43 -30.44
N LEU A 65 7.10 8.18 -29.43
CA LEU A 65 6.30 7.65 -28.34
C LEU A 65 4.98 8.34 -28.25
N ALA A 66 4.05 7.68 -27.55
CA ALA A 66 2.75 8.23 -27.30
C ALA A 66 2.34 7.72 -25.89
N THR A 67 1.70 8.60 -25.13
CA THR A 67 1.41 8.39 -23.70
C THR A 67 -0.06 8.65 -23.39
N SER A 68 -0.67 7.69 -22.69
CA SER A 68 -2.06 7.80 -22.30
C SER A 68 -2.21 8.46 -20.91
N ILE A 69 -2.97 9.54 -20.89
CA ILE A 69 -3.27 10.30 -19.68
C ILE A 69 -4.74 10.74 -19.77
N ASN A 70 -5.53 10.48 -18.73
CA ASN A 70 -6.94 10.90 -18.69
C ASN A 70 -7.74 10.39 -19.88
N GLY A 71 -7.46 9.17 -20.33
CA GLY A 71 -8.23 8.52 -21.39
C GLY A 71 -7.98 8.90 -22.82
N VAL A 72 -6.90 9.66 -23.05
CA VAL A 72 -6.48 10.11 -24.37
C VAL A 72 -5.04 9.68 -24.49
N LEU A 73 -4.71 9.12 -25.65
CA LEU A 73 -3.35 8.81 -26.04
C LEU A 73 -2.82 10.03 -26.76
N TRP A 74 -1.79 10.63 -26.17
CA TRP A 74 -1.22 11.88 -26.62
C TRP A 74 0.12 11.64 -27.26
N THR A 75 0.45 12.47 -28.24
CA THR A 75 1.77 12.53 -28.82
C THR A 75 2.03 13.93 -29.36
N VAL A 76 3.20 14.07 -29.98
CA VAL A 76 3.62 15.31 -30.58
C VAL A 76 3.08 15.48 -32.00
N TYR A 77 2.71 16.71 -32.31
CA TYR A 77 2.28 17.07 -33.66
C TYR A 77 3.40 16.85 -34.65
N HIS A 78 4.63 17.17 -34.25
CA HIS A 78 5.76 17.16 -35.16
C HIS A 78 6.10 15.73 -35.57
N GLY A 79 5.61 14.73 -34.83
CA GLY A 79 5.71 13.36 -35.26
C GLY A 79 4.49 12.85 -36.02
N ALA A 80 3.30 13.05 -35.44
CA ALA A 80 2.09 12.47 -35.98
C ALA A 80 1.40 13.30 -37.06
N GLY A 81 1.59 14.62 -37.09
CA GLY A 81 0.81 15.52 -37.95
C GLY A 81 -0.67 15.38 -37.61
N THR A 82 -1.52 15.36 -38.64
CA THR A 82 -2.98 15.19 -38.52
C THR A 82 -3.41 13.74 -38.77
N ARG A 83 -2.48 12.81 -38.67
CA ARG A 83 -2.73 11.44 -39.05
C ARG A 83 -3.75 10.77 -38.13
N THR A 84 -4.51 9.86 -38.71
CA THR A 84 -5.29 8.89 -37.94
C THR A 84 -4.34 7.89 -37.26
N ILE A 85 -4.84 7.16 -36.27
CA ILE A 85 -4.07 6.06 -35.68
C ILE A 85 -4.77 4.75 -36.04
N ALA A 86 -3.99 3.71 -36.32
CA ALA A 86 -4.58 2.37 -36.63
C ALA A 86 -5.17 1.72 -35.38
N SER A 87 -6.33 1.08 -35.53
CA SER A 87 -7.02 0.43 -34.40
C SER A 87 -7.78 -0.83 -34.82
N PRO A 88 -8.26 -1.65 -33.85
CA PRO A 88 -9.06 -2.83 -34.21
C PRO A 88 -10.30 -2.52 -35.06
N LYS A 89 -10.84 -1.33 -34.89
CA LYS A 89 -12.01 -0.87 -35.61
C LYS A 89 -11.70 -0.04 -36.87
N GLY A 90 -10.43 0.04 -37.25
CA GLY A 90 -10.05 0.88 -38.39
C GLY A 90 -9.38 2.15 -37.91
N PRO A 91 -9.09 3.08 -38.85
CA PRO A 91 -8.38 4.30 -38.51
C PRO A 91 -9.25 5.21 -37.65
N VAL A 92 -8.65 5.78 -36.61
CA VAL A 92 -9.35 6.64 -35.68
C VAL A 92 -8.83 8.06 -35.86
N THR A 93 -9.75 8.99 -36.12
CA THR A 93 -9.41 10.40 -36.28
C THR A 93 -8.97 11.02 -34.96
N GLN A 94 -8.04 11.96 -35.00
CA GLN A 94 -7.63 12.65 -33.79
C GLN A 94 -8.78 13.34 -33.06
N MET A 95 -8.75 13.27 -31.73
CA MET A 95 -9.75 13.95 -30.87
C MET A 95 -9.31 15.39 -30.62
N TYR A 96 -7.99 15.59 -30.58
CA TYR A 96 -7.42 16.89 -30.23
C TYR A 96 -6.21 17.14 -31.11
N THR A 97 -6.12 18.36 -31.61
CA THR A 97 -4.95 18.73 -32.42
C THR A 97 -4.61 20.16 -32.08
N ASN A 98 -3.40 20.39 -31.59
CA ASN A 98 -2.88 21.74 -31.41
C ASN A 98 -1.42 21.91 -31.81
N VAL A 99 -1.20 22.38 -33.02
CA VAL A 99 0.12 22.61 -33.58
C VAL A 99 0.94 23.60 -32.74
N ASP A 100 0.27 24.60 -32.17
CA ASP A 100 0.94 25.60 -31.36
C ASP A 100 1.49 24.99 -30.07
N LYS A 101 0.87 23.94 -29.53
CA LYS A 101 1.41 23.22 -28.38
C LYS A 101 2.29 22.04 -28.76
N ASP A 102 2.34 21.72 -30.06
CA ASP A 102 2.98 20.51 -30.58
C ASP A 102 2.34 19.24 -30.02
N LEU A 103 1.02 19.24 -29.96
CA LEU A 103 0.26 18.21 -29.24
C LEU A 103 -0.84 17.67 -30.16
N VAL A 104 -0.99 16.35 -30.19
CA VAL A 104 -2.19 15.68 -30.72
C VAL A 104 -2.64 14.61 -29.74
N GLY A 105 -3.91 14.26 -29.84
CA GLY A 105 -4.47 13.20 -29.00
C GLY A 105 -5.56 12.42 -29.72
N TRP A 106 -5.60 11.12 -29.45
CA TRP A 106 -6.67 10.23 -29.94
C TRP A 106 -7.33 9.59 -28.72
N GLN A 107 -8.57 9.16 -28.85
CA GLN A 107 -9.21 8.44 -27.73
C GLN A 107 -8.33 7.25 -27.36
N ALA A 108 -8.10 6.98 -26.08
CA ALA A 108 -7.11 5.96 -25.75
C ALA A 108 -7.61 4.60 -26.22
N PRO A 109 -6.74 3.74 -26.76
CA PRO A 109 -7.22 2.46 -27.26
C PRO A 109 -7.77 1.53 -26.18
N GLN A 110 -8.77 0.73 -26.56
CA GLN A 110 -9.28 -0.34 -25.69
C GLN A 110 -8.11 -1.25 -25.28
N GLY A 111 -7.93 -1.42 -23.97
CA GLY A 111 -6.87 -2.28 -23.45
C GLY A 111 -5.72 -1.50 -22.84
N SER A 112 -5.59 -0.23 -23.20
CA SER A 112 -4.60 0.65 -22.59
C SER A 112 -5.07 1.16 -21.24
N ARG A 113 -4.13 1.68 -20.48
CA ARG A 113 -4.41 2.29 -19.20
C ARG A 113 -3.74 3.64 -19.24
N SER A 114 -4.24 4.55 -18.43
CA SER A 114 -3.73 5.90 -18.38
C SER A 114 -2.85 6.08 -17.15
N LEU A 115 -1.85 6.94 -17.28
CA LEU A 115 -1.10 7.41 -16.13
C LEU A 115 -1.97 8.39 -15.37
N THR A 116 -1.79 8.43 -14.06
CA THR A 116 -2.45 9.44 -13.25
C THR A 116 -1.64 10.72 -13.23
N PRO A 117 -2.29 11.86 -13.46
CA PRO A 117 -1.61 13.15 -13.32
C PRO A 117 -1.06 13.37 -11.92
N CYS A 118 0.11 14.00 -11.88
CA CYS A 118 0.81 14.27 -10.63
C CYS A 118 0.08 15.31 -9.80
N THR A 119 -0.09 14.99 -8.52
CA THR A 119 -0.68 15.91 -7.55
C THR A 119 0.34 16.34 -6.47
N CYS A 120 1.56 15.80 -6.48
CA CYS A 120 2.46 16.03 -5.35
C CYS A 120 3.40 17.25 -5.47
N GLY A 121 3.42 17.89 -6.64
CA GLY A 121 4.20 19.10 -6.83
C GLY A 121 5.71 18.92 -6.94
N SER A 122 6.20 17.69 -7.10
CA SER A 122 7.64 17.45 -7.05
C SER A 122 8.36 18.09 -8.24
N SER A 123 9.56 18.63 -7.99
CA SER A 123 10.39 19.18 -9.06
C SER A 123 11.47 18.18 -9.52
N ASP A 124 11.50 16.98 -8.95
CA ASP A 124 12.42 15.92 -9.39
C ASP A 124 11.65 14.98 -10.33
N LEU A 125 11.96 15.08 -11.61
CA LEU A 125 11.21 14.36 -12.63
C LEU A 125 12.05 13.23 -13.23
N TYR A 126 11.38 12.35 -13.97
CA TYR A 126 12.01 11.23 -14.65
C TYR A 126 11.44 11.14 -16.04
N LEU A 127 12.32 11.31 -17.01
CA LEU A 127 11.98 11.17 -18.41
C LEU A 127 12.18 9.70 -18.79
N VAL A 128 11.16 9.12 -19.43
CA VAL A 128 11.22 7.76 -19.94
C VAL A 128 11.49 7.81 -21.45
N THR A 129 12.58 7.20 -21.88
CA THR A 129 12.97 7.23 -23.29
C THR A 129 12.41 6.03 -24.07
N ARG A 130 12.53 6.10 -25.40
CA ARG A 130 12.05 5.03 -26.25
C ARG A 130 12.82 3.71 -26.03
N HIS A 131 14.02 3.83 -25.46
CA HIS A 131 14.85 2.68 -25.14
C HIS A 131 14.62 2.27 -23.69
N ALA A 132 13.65 2.88 -23.04
CA ALA A 132 13.27 2.56 -21.66
C ALA A 132 14.30 3.05 -20.63
N ASP A 133 15.14 3.98 -21.04
CA ASP A 133 16.05 4.63 -20.12
C ASP A 133 15.18 5.56 -19.27
N VAL A 134 15.51 5.63 -17.99
CA VAL A 134 14.80 6.52 -17.07
C VAL A 134 15.78 7.62 -16.66
N ILE A 135 15.55 8.85 -17.11
CA ILE A 135 16.56 9.90 -16.98
C ILE A 135 16.06 10.93 -15.96
N PRO A 136 16.78 11.11 -14.84
CA PRO A 136 16.38 12.15 -13.88
C PRO A 136 16.47 13.55 -14.52
N VAL A 137 15.45 14.37 -14.29
CA VAL A 137 15.38 15.73 -14.80
C VAL A 137 14.94 16.64 -13.65
N ARG A 138 15.61 17.77 -13.46
CA ARG A 138 15.18 18.76 -12.46
C ARG A 138 14.26 19.78 -13.12
N ARG A 139 13.02 19.87 -12.65
CA ARG A 139 12.08 20.83 -13.22
C ARG A 139 12.56 22.25 -12.98
N ARG A 140 12.46 23.10 -14.01
CA ARG A 140 12.93 24.48 -13.89
C ARG A 140 11.79 25.47 -13.97
N GLY A 141 10.65 25.03 -14.46
CA GLY A 141 9.43 25.82 -14.28
C GLY A 141 8.34 25.00 -14.95
N ASP A 142 7.34 25.69 -15.48
CA ASP A 142 6.16 25.03 -16.01
C ASP A 142 6.45 23.91 -17.00
N SER A 143 7.28 24.23 -17.99
CA SER A 143 7.43 23.37 -19.16
C SER A 143 8.86 23.01 -19.47
N ARG A 144 9.77 23.17 -18.51
CA ARG A 144 11.17 22.92 -18.76
C ARG A 144 11.82 22.15 -17.62
N GLY A 145 12.92 21.50 -17.94
CA GLY A 145 13.75 20.78 -16.98
C GLY A 145 15.19 20.66 -17.47
N SER A 146 16.13 20.57 -16.54
CA SER A 146 17.54 20.36 -16.89
C SER A 146 17.90 18.92 -16.58
N LEU A 147 18.69 18.29 -17.44
CA LEU A 147 19.12 16.92 -17.19
C LEU A 147 20.12 16.92 -16.04
N LEU A 148 19.98 16.00 -15.11
CA LEU A 148 20.92 15.87 -14.00
C LEU A 148 22.30 15.46 -14.52
N SER A 149 22.35 14.58 -15.53
CA SER A 149 23.62 14.21 -16.18
C SER A 149 23.58 14.42 -17.69
N PRO A 150 24.65 14.99 -18.27
CA PRO A 150 24.66 15.12 -19.72
C PRO A 150 24.51 13.80 -20.47
N ARG A 151 23.76 13.85 -21.56
CA ARG A 151 23.67 12.75 -22.51
C ARG A 151 23.74 13.32 -23.92
N PRO A 152 24.22 12.52 -24.89
CA PRO A 152 24.15 12.99 -26.26
C PRO A 152 22.71 13.16 -26.67
N ILE A 153 22.45 14.16 -27.47
CA ILE A 153 21.11 14.42 -27.98
C ILE A 153 20.63 13.20 -28.76
N SER A 154 21.54 12.41 -29.34
CA SER A 154 21.12 11.17 -30.00
C SER A 154 20.41 10.14 -29.10
N TYR A 155 20.69 10.12 -27.80
CA TYR A 155 20.04 9.21 -26.88
C TYR A 155 18.54 9.50 -26.75
N LEU A 156 18.13 10.74 -27.02
CA LEU A 156 16.73 11.15 -26.88
C LEU A 156 15.95 11.11 -28.18
N LYS A 157 16.62 10.79 -29.28
CA LYS A 157 15.98 10.77 -30.57
C LYS A 157 14.86 9.74 -30.52
N GLY A 158 13.69 10.17 -30.97
CA GLY A 158 12.53 9.29 -30.98
C GLY A 158 11.84 9.10 -29.65
N SER A 159 12.17 9.92 -28.65
CA SER A 159 11.44 9.86 -27.38
C SER A 159 10.35 10.91 -27.24
N ALA A 160 10.23 11.82 -28.20
CA ALA A 160 9.18 12.82 -28.18
C ALA A 160 7.81 12.11 -28.05
N GLY A 161 6.98 12.62 -27.16
CA GLY A 161 5.67 12.05 -26.87
C GLY A 161 5.67 11.14 -25.66
N GLY A 162 6.86 10.82 -25.14
CA GLY A 162 7.00 10.03 -23.90
C GLY A 162 6.77 10.84 -22.65
N PRO A 163 6.64 10.18 -21.49
CA PRO A 163 6.27 10.91 -20.30
C PRO A 163 7.44 11.43 -19.47
N LEU A 164 7.15 12.51 -18.77
CA LEU A 164 7.93 12.95 -17.63
C LEU A 164 7.10 12.55 -16.43
N LEU A 165 7.70 11.79 -15.53
CA LEU A 165 6.99 11.27 -14.36
C LEU A 165 7.59 11.89 -13.11
N CYS A 166 6.76 12.10 -12.07
CA CYS A 166 7.26 12.48 -10.77
C CYS A 166 7.81 11.24 -10.04
N PRO A 167 8.49 11.40 -8.89
CA PRO A 167 9.04 10.23 -8.19
C PRO A 167 8.07 9.08 -7.97
N ALA A 168 6.79 9.39 -7.78
CA ALA A 168 5.76 8.37 -7.61
C ALA A 168 5.32 7.68 -8.90
N GLY A 169 5.81 8.11 -10.05
CA GLY A 169 5.34 7.54 -11.31
C GLY A 169 4.09 8.16 -11.91
N HIS A 170 3.65 9.32 -11.40
CA HIS A 170 2.50 9.99 -11.98
C HIS A 170 2.95 10.92 -13.11
N ALA A 171 2.04 11.30 -14.00
CA ALA A 171 2.41 12.12 -15.14
C ALA A 171 2.54 13.61 -14.81
N VAL A 172 3.68 14.19 -15.17
CA VAL A 172 3.89 15.63 -15.05
C VAL A 172 3.80 16.31 -16.41
N GLY A 173 4.13 15.59 -17.48
CA GLY A 173 4.07 16.15 -18.84
C GLY A 173 4.52 15.18 -19.91
N ILE A 174 4.47 15.70 -21.15
CA ILE A 174 4.79 14.96 -22.36
C ILE A 174 6.06 15.59 -22.94
N PHE A 175 7.12 14.81 -23.08
CA PHE A 175 8.37 15.32 -23.69
C PHE A 175 8.17 15.78 -25.13
N ARG A 176 8.69 16.97 -25.45
CA ARG A 176 8.51 17.54 -26.77
C ARG A 176 9.86 17.72 -27.49
N ALA A 177 10.84 18.31 -26.82
CA ALA A 177 12.09 18.68 -27.48
C ALA A 177 13.21 18.86 -26.46
N ALA A 178 14.44 18.61 -26.91
CA ALA A 178 15.61 18.83 -26.09
C ALA A 178 16.44 20.00 -26.61
N VAL A 179 17.10 20.67 -25.68
CA VAL A 179 18.05 21.74 -25.98
C VAL A 179 19.44 21.17 -25.83
N SER A 180 20.30 21.43 -26.79
CA SER A 180 21.63 20.86 -26.76
C SER A 180 22.64 21.91 -27.17
N THR A 181 23.88 21.61 -26.83
CA THR A 181 25.05 22.36 -27.24
C THR A 181 26.09 21.33 -27.64
N ARG A 182 26.72 21.53 -28.80
CA ARG A 182 27.66 20.59 -29.41
C ARG A 182 27.25 19.12 -29.32
N GLY A 183 25.96 18.86 -29.56
CA GLY A 183 25.44 17.50 -29.60
C GLY A 183 25.11 16.89 -28.25
N VAL A 184 25.25 17.66 -27.17
CA VAL A 184 25.02 17.18 -25.79
C VAL A 184 23.76 17.82 -25.24
N ALA A 185 22.78 17.00 -24.87
CA ALA A 185 21.49 17.49 -24.34
C ALA A 185 21.70 18.00 -22.92
N LYS A 186 21.25 19.22 -22.64
CA LYS A 186 21.34 19.79 -21.30
C LYS A 186 19.98 20.03 -20.67
N ALA A 187 18.93 20.19 -21.49
CA ALA A 187 17.58 20.53 -21.01
C ALA A 187 16.47 19.95 -21.87
N VAL A 188 15.28 19.82 -21.29
CA VAL A 188 14.17 19.30 -22.07
C VAL A 188 13.04 20.35 -21.97
N ASP A 189 12.16 20.32 -22.96
CA ASP A 189 10.95 21.12 -23.02
C ASP A 189 9.86 20.08 -23.06
N PHE A 190 8.78 20.33 -22.32
CA PHE A 190 7.68 19.36 -22.27
C PHE A 190 6.33 20.04 -22.19
N ILE A 191 5.26 19.31 -22.50
CA ILE A 191 3.91 19.85 -22.49
C ILE A 191 3.35 19.45 -21.12
N PRO A 192 3.04 20.44 -20.27
CA PRO A 192 2.64 20.02 -18.93
C PRO A 192 1.24 19.41 -18.90
N VAL A 193 1.02 18.49 -17.98
CA VAL A 193 -0.31 17.88 -17.82
C VAL A 193 -1.44 18.92 -17.73
N GLU A 194 -1.24 20.05 -17.06
CA GLU A 194 -2.28 21.10 -16.98
C GLU A 194 -2.71 21.61 -18.35
N SER A 195 -1.75 21.67 -19.27
CA SER A 195 -2.00 22.06 -20.65
C SER A 195 -2.83 21.01 -21.40
N LEU A 196 -2.55 19.72 -21.19
CA LEU A 196 -3.46 18.69 -21.69
C LEU A 196 -4.88 18.88 -21.17
N GLU A 197 -5.02 19.08 -19.87
CA GLU A 197 -6.34 19.28 -19.27
C GLU A 197 -7.06 20.50 -19.87
N THR A 198 -6.33 21.59 -20.09
CA THR A 198 -6.92 22.77 -20.75
C THR A 198 -7.42 22.43 -22.16
N THR A 199 -6.66 21.60 -22.88
CA THR A 199 -7.04 21.16 -24.23
C THR A 199 -8.33 20.34 -24.14
N MET A 200 -8.48 19.60 -23.05
CA MET A 200 -9.63 18.72 -22.89
C MET A 200 -10.89 19.49 -22.53
N ARG A 201 -10.77 20.45 -21.61
CA ARG A 201 -11.87 21.30 -21.15
C ARG A 201 -12.64 21.95 -22.31
N SER B 2 -9.84 -53.26 -25.55
CA SER B 2 -9.25 -53.87 -24.33
C SER B 2 -9.35 -52.94 -23.12
N HIS B 3 -9.34 -53.52 -21.93
CA HIS B 3 -9.33 -52.76 -20.68
C HIS B 3 -8.20 -51.69 -20.65
N MET B 4 -6.99 -52.04 -21.02
CA MET B 4 -5.88 -51.09 -20.90
C MET B 4 -5.86 -50.06 -22.04
N ALA B 5 -6.32 -50.42 -23.24
CA ALA B 5 -6.50 -49.39 -24.28
C ALA B 5 -7.58 -48.38 -23.92
N SER B 6 -8.57 -48.79 -23.12
CA SER B 6 -9.69 -47.94 -22.75
C SER B 6 -9.53 -47.19 -21.42
N MET B 7 -8.36 -47.27 -20.81
CA MET B 7 -8.05 -46.51 -19.59
C MET B 7 -7.91 -45.03 -19.96
N LYS B 8 -8.67 -44.16 -19.31
CA LYS B 8 -8.62 -42.73 -19.58
C LYS B 8 -7.43 -42.05 -18.89
N LYS B 9 -7.00 -40.91 -19.42
CA LYS B 9 -5.98 -40.07 -18.79
C LYS B 9 -6.66 -38.88 -18.11
N LYS B 10 -6.24 -38.52 -16.90
CA LYS B 10 -6.68 -37.26 -16.31
C LYS B 10 -6.06 -36.17 -17.19
N GLY B 11 -6.84 -35.16 -17.49
CA GLY B 11 -6.31 -34.06 -18.25
C GLY B 11 -5.38 -33.19 -17.44
N SER B 12 -4.87 -32.15 -18.09
CA SER B 12 -4.11 -31.13 -17.42
C SER B 12 -5.06 -30.10 -16.83
N VAL B 13 -4.55 -29.42 -15.80
CA VAL B 13 -5.07 -28.12 -15.36
C VAL B 13 -4.88 -27.12 -16.53
N VAL B 14 -5.92 -26.33 -16.76
CA VAL B 14 -5.94 -25.34 -17.83
C VAL B 14 -6.24 -23.96 -17.26
N ILE B 15 -5.43 -22.99 -17.65
CA ILE B 15 -5.71 -21.60 -17.30
C ILE B 15 -6.88 -21.09 -18.18
N VAL B 16 -7.96 -20.61 -17.56
CA VAL B 16 -9.18 -20.23 -18.27
C VAL B 16 -9.50 -18.76 -18.05
N GLY B 17 -8.67 -18.08 -17.27
CA GLY B 17 -8.84 -16.65 -17.04
C GLY B 17 -7.84 -16.16 -16.00
N ARG B 18 -8.05 -14.92 -15.56
CA ARG B 18 -7.19 -14.29 -14.57
C ARG B 18 -7.98 -13.33 -13.69
N ILE B 19 -7.40 -13.06 -12.53
CA ILE B 19 -7.88 -11.98 -11.67
C ILE B 19 -6.91 -10.83 -11.90
N ASN B 20 -7.40 -9.77 -12.52
CA ASN B 20 -6.58 -8.61 -12.87
C ASN B 20 -6.53 -7.68 -11.66
N LEU B 21 -5.30 -7.49 -11.18
CA LEU B 21 -4.98 -6.73 -9.96
C LEU B 21 -3.92 -5.65 -10.19
N SER B 22 -3.54 -5.43 -11.44
CA SER B 22 -2.44 -4.54 -11.77
C SER B 22 -2.89 -3.08 -11.98
N GLY B 23 -4.19 -2.84 -12.07
CA GLY B 23 -4.72 -1.49 -12.25
C GLY B 23 -5.19 -0.83 -10.96
N ASP B 24 -6.21 0.00 -11.09
CA ASP B 24 -6.89 0.59 -9.94
C ASP B 24 -8.14 -0.20 -9.54
N THR B 25 -8.52 -1.18 -10.35
CA THR B 25 -9.75 -1.95 -10.14
C THR B 25 -9.42 -3.42 -10.24
N ALA B 26 -9.96 -4.25 -9.34
CA ALA B 26 -9.81 -5.69 -9.45
C ALA B 26 -10.99 -6.28 -10.20
N TYR B 27 -10.70 -7.09 -11.22
CA TYR B 27 -11.77 -7.79 -11.93
C TYR B 27 -11.30 -9.08 -12.56
N ALA B 28 -12.23 -10.02 -12.69
CA ALA B 28 -12.00 -11.32 -13.32
C ALA B 28 -12.19 -11.19 -14.82
N GLN B 29 -11.37 -11.94 -15.55
CA GLN B 29 -11.42 -11.97 -17.01
C GLN B 29 -11.44 -13.43 -17.38
N GLN B 30 -12.33 -13.80 -18.30
CA GLN B 30 -12.31 -15.13 -18.89
C GLN B 30 -11.48 -15.11 -20.18
N THR B 31 -10.59 -16.08 -20.31
CA THR B 31 -9.67 -16.19 -21.45
C THR B 31 -9.95 -17.43 -22.30
N ARG B 32 -10.61 -18.44 -21.74
CA ARG B 32 -11.10 -19.61 -22.49
C ARG B 32 -12.48 -20.00 -22.04
N GLY B 33 -13.30 -20.37 -23.03
CA GLY B 33 -14.62 -20.96 -22.79
C GLY B 33 -14.56 -22.46 -22.57
N GLU B 34 -15.72 -23.08 -22.40
CA GLU B 34 -15.81 -24.48 -21.94
C GLU B 34 -15.21 -25.46 -22.94
N GLU B 35 -15.52 -25.26 -24.23
CA GLU B 35 -15.04 -26.18 -25.27
C GLU B 35 -13.53 -26.12 -25.42
N GLY B 36 -12.98 -24.92 -25.42
CA GLY B 36 -11.54 -24.74 -25.51
C GLY B 36 -10.88 -25.29 -24.27
N CYS B 37 -11.53 -25.12 -23.13
CA CYS B 37 -10.94 -25.63 -21.90
C CYS B 37 -10.88 -27.17 -21.96
N GLN B 38 -11.97 -27.81 -22.37
CA GLN B 38 -11.96 -29.27 -22.39
C GLN B 38 -10.94 -29.85 -23.35
N GLU B 39 -10.83 -29.25 -24.52
CA GLU B 39 -9.85 -29.69 -25.50
C GLU B 39 -8.40 -29.48 -25.01
N THR B 40 -8.14 -28.32 -24.42
CA THR B 40 -6.82 -27.99 -23.90
C THR B 40 -6.41 -28.90 -22.73
N SER B 41 -7.38 -29.31 -21.91
CA SER B 41 -7.13 -30.28 -20.86
C SER B 41 -6.62 -31.62 -21.41
N GLN B 42 -7.23 -32.05 -22.51
CA GLN B 42 -6.96 -33.35 -23.11
C GLN B 42 -5.60 -33.32 -23.82
N THR B 43 -5.30 -32.22 -24.52
CA THR B 43 -4.00 -32.08 -25.20
C THR B 43 -2.83 -31.65 -24.30
N GLY B 44 -3.10 -30.74 -23.38
CA GLY B 44 -2.05 -30.11 -22.59
C GLY B 44 -1.28 -29.03 -23.34
N ARG B 45 -1.81 -28.62 -24.48
CA ARG B 45 -1.16 -27.62 -25.31
C ARG B 45 -1.99 -26.34 -25.26
N ASP B 46 -1.48 -25.30 -24.60
CA ASP B 46 -2.17 -24.01 -24.44
C ASP B 46 -1.31 -22.91 -25.02
N LYS B 47 -1.70 -22.37 -26.17
CA LYS B 47 -0.92 -21.31 -26.82
C LYS B 47 -1.26 -19.89 -26.36
N ASN B 48 -2.26 -19.73 -25.49
CA ASN B 48 -2.62 -18.39 -25.01
C ASN B 48 -1.50 -17.78 -24.20
N GLN B 49 -1.30 -16.48 -24.37
CA GLN B 49 -0.29 -15.74 -23.63
C GLN B 49 -0.81 -15.50 -22.22
N VAL B 50 0.01 -15.86 -21.24
CA VAL B 50 -0.34 -15.69 -19.85
C VAL B 50 0.08 -14.30 -19.39
N GLU B 51 -0.71 -13.71 -18.51
CA GLU B 51 -0.32 -12.47 -17.84
C GLU B 51 -0.93 -12.42 -16.45
N GLY B 52 -0.28 -11.64 -15.58
CA GLY B 52 -0.84 -11.39 -14.26
C GLY B 52 -0.38 -12.41 -13.24
N GLU B 53 -0.72 -12.20 -11.98
CA GLU B 53 -0.17 -12.99 -10.89
C GLU B 53 -1.14 -14.08 -10.45
N VAL B 54 -2.44 -13.82 -10.61
CA VAL B 54 -3.50 -14.76 -10.19
C VAL B 54 -4.26 -15.27 -11.39
N GLN B 55 -4.20 -16.58 -11.57
CA GLN B 55 -4.86 -17.26 -12.68
C GLN B 55 -6.11 -17.99 -12.17
N ILE B 56 -7.13 -18.07 -13.02
CA ILE B 56 -8.30 -18.92 -12.82
C ILE B 56 -7.97 -20.17 -13.62
N VAL B 57 -8.02 -21.33 -12.96
CA VAL B 57 -7.66 -22.61 -13.54
C VAL B 57 -8.83 -23.59 -13.43
N SER B 58 -8.88 -24.55 -14.34
CA SER B 58 -9.91 -25.54 -14.34
C SER B 58 -9.35 -26.94 -14.58
N THR B 59 -10.01 -27.93 -14.00
CA THR B 59 -9.85 -29.32 -14.45
C THR B 59 -11.19 -29.63 -15.13
N ALA B 60 -11.50 -30.90 -15.36
CA ALA B 60 -12.85 -31.27 -15.82
C ALA B 60 -13.96 -31.13 -14.77
N THR B 61 -13.64 -31.17 -13.48
CA THR B 61 -14.66 -31.22 -12.44
C THR B 61 -14.68 -29.97 -11.55
N GLN B 62 -13.65 -29.11 -11.66
CA GLN B 62 -13.49 -28.02 -10.72
C GLN B 62 -12.83 -26.82 -11.38
N THR B 63 -13.21 -25.63 -10.91
CA THR B 63 -12.47 -24.42 -11.20
C THR B 63 -12.02 -23.86 -9.86
N PHE B 64 -10.84 -23.27 -9.88
CA PHE B 64 -10.23 -22.68 -8.69
C PHE B 64 -9.18 -21.68 -9.15
N LEU B 65 -8.30 -21.23 -8.26
CA LEU B 65 -7.30 -20.23 -8.57
C LEU B 65 -5.91 -20.80 -8.38
N ALA B 66 -4.97 -20.06 -8.96
CA ALA B 66 -3.57 -20.36 -8.81
C ALA B 66 -2.81 -19.03 -8.80
N THR B 67 -1.80 -18.97 -7.94
CA THR B 67 -1.08 -17.72 -7.68
C THR B 67 0.41 -17.89 -7.89
N SER B 68 1.00 -16.97 -8.64
CA SER B 68 2.44 -16.97 -8.85
C SER B 68 3.19 -16.22 -7.75
N ILE B 69 4.11 -16.94 -7.12
CA ILE B 69 4.97 -16.37 -6.07
C ILE B 69 6.40 -16.93 -6.25
N ASN B 70 7.38 -16.04 -6.25
CA ASN B 70 8.76 -16.42 -6.41
C ASN B 70 8.96 -17.32 -7.63
N GLY B 71 8.26 -17.01 -8.72
CA GLY B 71 8.45 -17.71 -10.00
C GLY B 71 7.90 -19.12 -10.11
N VAL B 72 6.96 -19.46 -9.21
CA VAL B 72 6.29 -20.74 -9.19
C VAL B 72 4.80 -20.39 -9.08
N LEU B 73 4.00 -21.05 -9.93
CA LEU B 73 2.56 -20.93 -9.90
C LEU B 73 2.05 -21.99 -8.94
N TRP B 74 1.44 -21.56 -7.84
CA TRP B 74 1.02 -22.43 -6.77
C TRP B 74 -0.49 -22.56 -6.79
N THR B 75 -0.93 -23.72 -6.35
CA THR B 75 -2.32 -23.93 -6.01
C THR B 75 -2.48 -25.06 -5.00
N VAL B 76 -3.74 -25.45 -4.78
CA VAL B 76 -4.10 -26.48 -3.83
C VAL B 76 -4.11 -27.89 -4.41
N TYR B 77 -3.58 -28.82 -3.61
CA TYR B 77 -3.56 -30.22 -4.00
C TYR B 77 -4.96 -30.75 -4.12
N HIS B 78 -5.87 -30.29 -3.25
CA HIS B 78 -7.26 -30.75 -3.33
C HIS B 78 -7.93 -30.32 -4.65
N GLY B 79 -7.40 -29.33 -5.36
CA GLY B 79 -7.92 -28.95 -6.68
C GLY B 79 -7.21 -29.67 -7.81
N ALA B 80 -5.87 -29.63 -7.77
CA ALA B 80 -5.05 -29.97 -8.91
C ALA B 80 -4.60 -31.43 -8.87
N GLY B 81 -4.62 -32.04 -7.69
CA GLY B 81 -4.05 -33.39 -7.49
C GLY B 81 -2.62 -33.35 -8.00
N THR B 82 -2.20 -34.41 -8.69
CA THR B 82 -0.87 -34.50 -9.29
C THR B 82 -0.84 -34.13 -10.79
N ARG B 83 -1.84 -33.40 -11.26
CA ARG B 83 -1.98 -33.14 -12.68
C ARG B 83 -0.88 -32.23 -13.24
N THR B 84 -0.56 -32.41 -14.52
CA THR B 84 0.23 -31.46 -15.29
C THR B 84 -0.60 -30.18 -15.49
N ILE B 85 0.06 -29.10 -15.91
CA ILE B 85 -0.66 -27.90 -16.37
C ILE B 85 -0.37 -27.76 -17.86
N ALA B 86 -1.37 -27.32 -18.63
CA ALA B 86 -1.24 -27.10 -20.07
C ALA B 86 -0.40 -25.86 -20.32
N SER B 87 0.45 -25.91 -21.34
CA SER B 87 1.37 -24.81 -21.63
C SER B 87 1.66 -24.76 -23.12
N PRO B 88 2.24 -23.65 -23.62
CA PRO B 88 2.53 -23.61 -25.05
C PRO B 88 3.46 -24.70 -25.52
N LYS B 89 4.20 -25.32 -24.59
CA LYS B 89 5.18 -26.33 -24.96
C LYS B 89 4.67 -27.74 -24.65
N GLY B 90 3.41 -27.86 -24.25
CA GLY B 90 2.84 -29.16 -23.89
C GLY B 90 2.63 -29.22 -22.40
N PRO B 91 2.17 -30.37 -21.89
CA PRO B 91 1.86 -30.46 -20.47
C PRO B 91 3.15 -30.44 -19.64
N VAL B 92 3.11 -29.70 -18.54
CA VAL B 92 4.25 -29.42 -17.71
C VAL B 92 4.03 -30.10 -16.36
N THR B 93 4.96 -30.98 -16.00
CA THR B 93 4.88 -31.70 -14.75
C THR B 93 5.08 -30.82 -13.54
N GLN B 94 4.43 -31.14 -12.43
CA GLN B 94 4.61 -30.31 -11.23
C GLN B 94 6.06 -30.25 -10.77
N MET B 95 6.49 -29.09 -10.26
CA MET B 95 7.81 -28.90 -9.67
C MET B 95 7.80 -29.25 -8.19
N TYR B 96 6.66 -29.02 -7.54
CA TYR B 96 6.52 -29.26 -6.12
C TYR B 96 5.15 -29.86 -5.87
N THR B 97 5.09 -30.83 -4.97
CA THR B 97 3.81 -31.50 -4.61
C THR B 97 3.94 -31.89 -3.16
N ASN B 98 3.00 -31.41 -2.34
CA ASN B 98 2.97 -31.74 -0.94
C ASN B 98 1.52 -31.80 -0.44
N VAL B 99 0.97 -33.01 -0.53
CA VAL B 99 -0.37 -33.32 -0.02
C VAL B 99 -0.53 -32.90 1.45
N ASP B 100 0.52 -33.02 2.25
CA ASP B 100 0.39 -32.70 3.66
C ASP B 100 0.16 -31.21 3.91
N LYS B 101 0.67 -30.37 3.01
CA LYS B 101 0.45 -28.95 3.06
C LYS B 101 -0.70 -28.48 2.17
N ASP B 102 -1.35 -29.40 1.47
CA ASP B 102 -2.36 -29.12 0.46
C ASP B 102 -1.88 -28.19 -0.67
N LEU B 103 -0.66 -28.44 -1.11
CA LEU B 103 0.09 -27.52 -1.96
C LEU B 103 0.74 -28.21 -3.15
N VAL B 104 0.58 -27.60 -4.33
CA VAL B 104 1.33 -27.98 -5.51
C VAL B 104 1.88 -26.75 -6.19
N GLY B 105 2.86 -26.99 -7.05
CA GLY B 105 3.44 -25.87 -7.81
C GLY B 105 4.02 -26.34 -9.13
N TRP B 106 3.92 -25.45 -10.12
CA TRP B 106 4.55 -25.66 -11.42
C TRP B 106 5.41 -24.44 -11.67
N GLN B 107 6.43 -24.60 -12.51
CA GLN B 107 7.23 -23.45 -12.94
C GLN B 107 6.31 -22.37 -13.53
N ALA B 108 6.40 -21.12 -13.08
CA ALA B 108 5.48 -20.08 -13.53
C ALA B 108 5.50 -19.94 -15.05
N PRO B 109 4.32 -19.78 -15.66
CA PRO B 109 4.29 -19.71 -17.12
C PRO B 109 5.01 -18.49 -17.66
N GLN B 110 5.57 -18.65 -18.85
CA GLN B 110 6.09 -17.55 -19.64
C GLN B 110 5.03 -16.45 -19.72
N GLY B 111 5.38 -15.25 -19.29
CA GLY B 111 4.50 -14.09 -19.39
C GLY B 111 3.85 -13.69 -18.08
N SER B 112 3.78 -14.61 -17.13
CA SER B 112 3.23 -14.30 -15.81
C SER B 112 4.17 -13.38 -15.04
N ARG B 113 3.68 -12.83 -13.95
CA ARG B 113 4.52 -12.03 -13.07
C ARG B 113 4.30 -12.70 -11.74
N SER B 114 5.24 -12.59 -10.82
CA SER B 114 5.08 -13.16 -9.49
C SER B 114 4.75 -12.07 -8.49
N LEU B 115 3.97 -12.41 -7.48
CA LEU B 115 3.77 -11.53 -6.35
C LEU B 115 5.02 -11.63 -5.50
N THR B 116 5.36 -10.55 -4.81
CA THR B 116 6.52 -10.54 -3.94
C THR B 116 6.01 -10.78 -2.52
N PRO B 117 6.71 -11.61 -1.74
CA PRO B 117 6.33 -11.94 -0.38
C PRO B 117 6.25 -10.70 0.51
N CYS B 118 5.24 -10.64 1.36
CA CYS B 118 5.08 -9.54 2.30
C CYS B 118 6.26 -9.51 3.28
N THR B 119 6.79 -8.33 3.49
CA THR B 119 7.81 -8.07 4.48
C THR B 119 7.38 -7.04 5.55
N CYS B 120 6.09 -6.70 5.64
CA CYS B 120 5.67 -5.64 6.57
C CYS B 120 5.10 -6.13 7.90
N GLY B 121 4.89 -7.44 8.01
CA GLY B 121 4.25 -8.05 9.17
C GLY B 121 2.83 -7.64 9.51
N SER B 122 2.10 -7.09 8.53
CA SER B 122 0.73 -6.65 8.76
C SER B 122 -0.17 -7.86 9.06
N SER B 123 -1.11 -7.70 9.98
CA SER B 123 -2.11 -8.72 10.23
C SER B 123 -3.43 -8.39 9.55
N ASP B 124 -3.48 -7.27 8.82
CA ASP B 124 -4.65 -6.86 8.03
C ASP B 124 -4.50 -7.39 6.61
N LEU B 125 -5.27 -8.43 6.31
CA LEU B 125 -5.08 -9.16 5.07
C LEU B 125 -6.27 -8.94 4.14
N TYR B 126 -6.06 -9.30 2.88
CA TYR B 126 -7.08 -9.20 1.88
C TYR B 126 -7.11 -10.48 1.08
N LEU B 127 -8.24 -11.20 1.11
CA LEU B 127 -8.43 -12.41 0.32
C LEU B 127 -8.96 -11.99 -1.04
N VAL B 128 -8.32 -12.46 -2.10
CA VAL B 128 -8.81 -12.21 -3.47
C VAL B 128 -9.56 -13.43 -3.99
N THR B 129 -10.82 -13.25 -4.33
CA THR B 129 -11.67 -14.37 -4.74
C THR B 129 -11.70 -14.51 -6.26
N ARG B 130 -12.27 -15.62 -6.71
CA ARG B 130 -12.35 -15.86 -8.13
C ARG B 130 -13.28 -14.89 -8.84
N HIS B 131 -14.11 -14.20 -8.06
CA HIS B 131 -14.97 -13.13 -8.57
C HIS B 131 -14.33 -11.76 -8.47
N ALA B 132 -13.03 -11.76 -8.20
CA ALA B 132 -12.23 -10.58 -7.94
C ALA B 132 -12.77 -9.73 -6.79
N ASP B 133 -13.45 -10.33 -5.83
CA ASP B 133 -13.73 -9.58 -4.59
C ASP B 133 -12.46 -9.49 -3.78
N VAL B 134 -12.32 -8.40 -3.02
CA VAL B 134 -11.16 -8.17 -2.18
C VAL B 134 -11.67 -8.09 -0.76
N ILE B 135 -11.46 -9.16 -0.01
CA ILE B 135 -12.24 -9.39 1.20
C ILE B 135 -11.34 -9.24 2.43
N PRO B 136 -11.58 -8.22 3.27
CA PRO B 136 -10.74 -8.05 4.47
C PRO B 136 -10.79 -9.27 5.38
N VAL B 137 -9.60 -9.67 5.83
CA VAL B 137 -9.39 -10.80 6.74
C VAL B 137 -8.36 -10.34 7.80
N ARG B 138 -8.62 -10.60 9.06
CA ARG B 138 -7.61 -10.31 10.08
C ARG B 138 -6.83 -11.59 10.41
N ARG B 139 -5.51 -11.57 10.31
CA ARG B 139 -4.73 -12.76 10.67
C ARG B 139 -4.84 -13.07 12.15
N ARG B 140 -4.90 -14.36 12.47
CA ARG B 140 -5.07 -14.84 13.86
C ARG B 140 -3.92 -15.68 14.37
N GLY B 141 -3.36 -16.52 13.50
CA GLY B 141 -2.11 -17.21 13.78
C GLY B 141 -1.40 -17.40 12.45
N ASP B 142 -0.50 -18.37 12.41
CA ASP B 142 0.37 -18.59 11.25
C ASP B 142 -0.39 -18.89 9.96
N SER B 143 -1.50 -19.60 10.10
CA SER B 143 -2.19 -20.18 8.95
C SER B 143 -3.70 -19.93 9.00
N ARG B 144 -4.13 -19.01 9.84
CA ARG B 144 -5.57 -18.75 10.05
C ARG B 144 -5.85 -17.27 10.02
N GLY B 145 -7.07 -16.93 9.60
CA GLY B 145 -7.57 -15.56 9.65
C GLY B 145 -9.08 -15.53 9.83
N SER B 146 -9.61 -14.38 10.24
CA SER B 146 -11.05 -14.26 10.44
C SER B 146 -11.59 -13.20 9.48
N LEU B 147 -12.72 -13.52 8.87
CA LEU B 147 -13.37 -12.58 7.97
C LEU B 147 -13.92 -11.45 8.84
N LEU B 148 -13.81 -10.22 8.39
CA LEU B 148 -14.43 -9.11 9.12
C LEU B 148 -15.96 -9.15 8.95
N SER B 149 -16.45 -9.65 7.82
CA SER B 149 -17.89 -9.75 7.57
C SER B 149 -18.28 -11.17 7.18
N PRO B 150 -19.33 -11.73 7.81
CA PRO B 150 -19.81 -13.06 7.45
C PRO B 150 -20.15 -13.20 5.97
N ARG B 151 -19.82 -14.33 5.37
CA ARG B 151 -20.28 -14.66 4.03
C ARG B 151 -20.71 -16.11 4.01
N PRO B 152 -21.64 -16.45 3.11
CA PRO B 152 -21.94 -17.86 2.89
C PRO B 152 -20.69 -18.60 2.40
N ILE B 153 -20.44 -19.78 2.96
CA ILE B 153 -19.28 -20.55 2.58
C ILE B 153 -19.34 -20.91 1.09
N SER B 154 -20.55 -21.09 0.57
CA SER B 154 -20.72 -21.35 -0.85
C SER B 154 -20.08 -20.24 -1.69
N TYR B 155 -20.06 -19.02 -1.19
CA TYR B 155 -19.43 -17.91 -1.90
C TYR B 155 -17.91 -18.06 -2.14
N LEU B 156 -17.21 -18.73 -1.22
CA LEU B 156 -15.78 -18.90 -1.35
C LEU B 156 -15.39 -20.14 -2.15
N LYS B 157 -16.36 -20.98 -2.49
CA LYS B 157 -16.15 -22.13 -3.37
C LYS B 157 -15.49 -21.69 -4.68
N GLY B 158 -14.46 -22.41 -5.09
CA GLY B 158 -13.70 -22.01 -6.27
C GLY B 158 -12.64 -20.94 -6.08
N SER B 159 -12.43 -20.44 -4.86
CA SER B 159 -11.36 -19.48 -4.62
C SER B 159 -10.10 -20.13 -4.02
N ALA B 160 -10.12 -21.42 -3.66
CA ALA B 160 -8.90 -22.07 -3.13
C ALA B 160 -7.75 -21.85 -4.14
N GLY B 161 -6.57 -21.54 -3.66
CA GLY B 161 -5.40 -21.25 -4.48
C GLY B 161 -5.17 -19.76 -4.71
N GLY B 162 -6.12 -18.90 -4.35
CA GLY B 162 -5.94 -17.47 -4.57
C GLY B 162 -5.16 -16.93 -3.37
N PRO B 163 -4.68 -15.69 -3.46
CA PRO B 163 -3.86 -15.07 -2.47
C PRO B 163 -4.54 -14.36 -1.30
N LEU B 164 -3.91 -14.45 -0.15
CA LEU B 164 -4.08 -13.49 0.93
C LEU B 164 -2.97 -12.48 0.75
N LEU B 165 -3.34 -11.21 0.58
CA LEU B 165 -2.39 -10.12 0.37
C LEU B 165 -2.38 -9.23 1.62
N CYS B 166 -1.25 -8.61 1.90
CA CYS B 166 -1.13 -7.55 2.92
C CYS B 166 -1.68 -6.24 2.32
N PRO B 167 -1.74 -5.15 3.09
CA PRO B 167 -2.30 -3.89 2.61
C PRO B 167 -1.57 -3.29 1.41
N ALA B 168 -0.26 -3.55 1.33
CA ALA B 168 0.55 -3.15 0.19
C ALA B 168 0.41 -4.04 -1.06
N GLY B 169 -0.40 -5.11 -1.00
CA GLY B 169 -0.55 -6.04 -2.15
C GLY B 169 0.51 -7.12 -2.31
N HIS B 170 1.30 -7.36 -1.26
CA HIS B 170 2.30 -8.43 -1.29
C HIS B 170 1.72 -9.74 -0.74
N ALA B 171 2.30 -10.88 -1.11
CA ALA B 171 1.73 -12.17 -0.75
C ALA B 171 2.03 -12.58 0.69
N VAL B 172 0.97 -12.93 1.41
CA VAL B 172 1.06 -13.49 2.75
C VAL B 172 0.76 -14.99 2.78
N GLY B 173 -0.11 -15.46 1.88
CA GLY B 173 -0.39 -16.88 1.83
C GLY B 173 -1.34 -17.24 0.70
N ILE B 174 -1.64 -18.54 0.61
CA ILE B 174 -2.50 -19.10 -0.43
C ILE B 174 -3.75 -19.63 0.31
N PHE B 175 -4.92 -19.16 -0.04
CA PHE B 175 -6.18 -19.61 0.58
C PHE B 175 -6.44 -21.09 0.32
N ARG B 176 -6.79 -21.83 1.38
CA ARG B 176 -6.94 -23.28 1.33
C ARG B 176 -8.38 -23.71 1.64
N ALA B 177 -8.92 -23.21 2.74
CA ALA B 177 -10.22 -23.68 3.21
C ALA B 177 -10.85 -22.65 4.14
N ALA B 178 -12.15 -22.77 4.35
CA ALA B 178 -12.86 -21.87 5.25
C ALA B 178 -13.57 -22.65 6.35
N VAL B 179 -13.66 -22.10 7.56
CA VAL B 179 -14.43 -22.73 8.62
C VAL B 179 -15.80 -22.08 8.59
N SER B 180 -16.83 -22.90 8.77
CA SER B 180 -18.17 -22.34 8.81
C SER B 180 -18.98 -22.95 9.91
N THR B 181 -19.95 -22.17 10.35
CA THR B 181 -20.97 -22.63 11.24
C THR B 181 -22.30 -22.30 10.57
N ARG B 182 -23.16 -23.30 10.40
CA ARG B 182 -24.49 -23.11 9.83
C ARG B 182 -24.40 -22.53 8.41
N GLY B 183 -23.37 -22.94 7.66
CA GLY B 183 -23.19 -22.48 6.29
C GLY B 183 -22.52 -21.12 6.13
N VAL B 184 -22.21 -20.45 7.24
CA VAL B 184 -21.67 -19.10 7.18
C VAL B 184 -20.17 -19.12 7.45
N ALA B 185 -19.35 -18.70 6.50
CA ALA B 185 -17.92 -18.71 6.71
C ALA B 185 -17.54 -17.63 7.70
N LYS B 186 -16.69 -17.95 8.67
CA LYS B 186 -16.21 -16.91 9.59
C LYS B 186 -14.69 -16.80 9.68
N ALA B 187 -13.99 -17.88 9.34
CA ALA B 187 -12.53 -17.97 9.41
C ALA B 187 -12.02 -18.62 8.13
N VAL B 188 -10.79 -18.27 7.75
CA VAL B 188 -10.16 -18.90 6.60
C VAL B 188 -8.85 -19.55 7.04
N ASP B 189 -8.52 -20.66 6.40
CA ASP B 189 -7.22 -21.31 6.53
C ASP B 189 -6.42 -21.04 5.29
N PHE B 190 -5.13 -20.76 5.47
CA PHE B 190 -4.24 -20.51 4.35
C PHE B 190 -2.85 -21.14 4.55
N ILE B 191 -2.14 -21.27 3.44
CA ILE B 191 -0.79 -21.79 3.42
C ILE B 191 0.10 -20.58 3.41
N PRO B 192 0.88 -20.37 4.48
CA PRO B 192 1.66 -19.14 4.49
C PRO B 192 2.83 -19.12 3.50
N VAL B 193 3.20 -17.93 3.06
CA VAL B 193 4.30 -17.79 2.13
C VAL B 193 5.58 -18.46 2.65
N GLU B 194 5.84 -18.44 3.96
CA GLU B 194 7.04 -19.09 4.53
C GLU B 194 7.09 -20.59 4.24
N SER B 195 5.92 -21.20 4.16
CA SER B 195 5.83 -22.63 3.89
C SER B 195 6.12 -22.96 2.42
N LEU B 196 5.79 -22.05 1.51
CA LEU B 196 6.19 -22.17 0.10
C LEU B 196 7.71 -22.03 -0.01
N GLU B 197 8.25 -21.06 0.73
CA GLU B 197 9.69 -20.85 0.79
C GLU B 197 10.39 -22.12 1.30
N THR B 198 9.85 -22.75 2.34
CA THR B 198 10.41 -24.01 2.85
C THR B 198 10.28 -25.15 1.84
N THR B 199 9.17 -25.19 1.10
CA THR B 199 9.01 -26.16 0.03
C THR B 199 10.03 -25.93 -1.06
N MET B 200 10.29 -24.66 -1.37
CA MET B 200 11.31 -24.32 -2.38
C MET B 200 12.74 -24.59 -1.95
N MET C 4 13.78 23.82 36.59
CA MET C 4 14.63 24.09 35.41
C MET C 4 16.12 24.15 35.77
N ALA C 5 16.44 24.70 36.93
CA ALA C 5 17.83 24.87 37.34
C ALA C 5 18.61 23.56 37.44
N SER C 6 17.90 22.45 37.53
CA SER C 6 18.53 21.14 37.67
C SER C 6 18.30 20.22 36.47
N MET C 7 17.65 20.72 35.42
CA MET C 7 17.34 19.91 34.24
C MET C 7 18.61 19.34 33.61
N LYS C 8 18.63 18.03 33.38
CA LYS C 8 19.79 17.38 32.78
C LYS C 8 19.67 17.42 31.26
N LYS C 9 20.78 17.18 30.60
CA LYS C 9 20.70 16.85 29.19
C LYS C 9 21.20 15.43 29.01
N LYS C 10 20.77 14.81 27.92
CA LYS C 10 21.26 13.49 27.58
C LYS C 10 22.73 13.58 27.17
N GLY C 11 23.50 12.61 27.63
CA GLY C 11 24.87 12.44 27.20
C GLY C 11 24.99 12.12 25.73
N SER C 12 26.24 12.19 25.27
CA SER C 12 26.66 11.86 23.92
C SER C 12 26.78 10.35 23.78
N VAL C 13 26.62 9.87 22.56
CA VAL C 13 27.06 8.53 22.18
C VAL C 13 28.59 8.52 22.29
N VAL C 14 29.14 7.43 22.80
CA VAL C 14 30.59 7.28 22.94
C VAL C 14 31.06 6.02 22.24
N ILE C 15 32.16 6.17 21.50
CA ILE C 15 32.81 5.02 20.88
C ILE C 15 33.62 4.32 21.97
N VAL C 16 33.26 3.06 22.24
CA VAL C 16 33.86 2.26 23.28
C VAL C 16 34.67 1.07 22.71
N GLY C 17 34.64 0.86 21.40
CA GLY C 17 35.47 -0.18 20.81
C GLY C 17 35.30 -0.23 19.31
N ARG C 18 35.73 -1.33 18.71
CA ARG C 18 35.62 -1.50 17.27
C ARG C 18 35.57 -2.97 16.89
N ILE C 19 35.02 -3.23 15.70
CA ILE C 19 35.14 -4.54 15.07
C ILE C 19 36.27 -4.44 14.07
N ASN C 20 37.35 -5.14 14.37
CA ASN C 20 38.53 -5.10 13.53
C ASN C 20 38.33 -6.09 12.41
N LEU C 21 38.26 -5.57 11.20
CA LEU C 21 38.07 -6.33 9.96
C LEU C 21 39.27 -6.18 9.03
N SER C 22 40.39 -5.72 9.57
CA SER C 22 41.55 -5.35 8.77
C SER C 22 42.43 -6.53 8.39
N GLY C 23 42.23 -7.67 9.04
CA GLY C 23 43.04 -8.87 8.77
C GLY C 23 42.25 -9.97 8.09
N ASP C 24 42.69 -11.21 8.31
CA ASP C 24 41.95 -12.41 7.90
C ASP C 24 41.07 -12.94 9.03
N THR C 25 41.13 -12.31 10.20
CA THR C 25 40.33 -12.71 11.36
C THR C 25 39.59 -11.49 11.93
N ALA C 26 38.25 -11.52 11.94
CA ALA C 26 37.45 -10.44 12.54
C ALA C 26 37.49 -10.58 14.06
N TYR C 27 37.74 -9.51 14.81
CA TYR C 27 37.62 -9.57 16.27
C TYR C 27 37.19 -8.25 16.88
N ALA C 28 36.50 -8.31 18.01
CA ALA C 28 36.06 -7.14 18.76
C ALA C 28 37.20 -6.64 19.64
N GLN C 29 37.42 -5.32 19.67
CA GLN C 29 38.39 -4.73 20.57
C GLN C 29 37.64 -3.73 21.44
N GLN C 30 37.87 -3.76 22.75
CA GLN C 30 37.37 -2.66 23.61
C GLN C 30 38.41 -1.54 23.78
N THR C 31 38.00 -0.28 23.61
CA THR C 31 38.89 0.86 23.77
C THR C 31 38.56 1.70 25.00
N ARG C 32 37.37 1.51 25.56
CA ARG C 32 36.96 2.22 26.76
C ARG C 32 36.15 1.31 27.65
N GLY C 33 36.49 1.29 28.93
CA GLY C 33 35.64 0.67 29.93
C GLY C 33 34.56 1.62 30.43
N GLU C 34 33.87 1.14 31.45
CA GLU C 34 32.64 1.73 31.98
C GLU C 34 32.74 3.17 32.48
N GLU C 35 33.61 3.41 33.45
CA GLU C 35 33.80 4.75 34.01
C GLU C 35 34.28 5.74 32.95
N GLY C 36 35.20 5.30 32.10
CA GLY C 36 35.63 6.09 30.95
C GLY C 36 34.46 6.46 30.06
N CYS C 37 33.62 5.47 29.77
CA CYS C 37 32.47 5.69 28.89
C CYS C 37 31.56 6.76 29.48
N GLN C 38 31.17 6.59 30.74
CA GLN C 38 30.28 7.52 31.43
C GLN C 38 30.82 8.96 31.48
N GLU C 39 32.11 9.08 31.77
CA GLU C 39 32.73 10.41 31.84
C GLU C 39 32.71 11.05 30.46
N THR C 40 33.04 10.28 29.44
CA THR C 40 33.09 10.78 28.06
C THR C 40 31.70 11.14 27.54
N SER C 41 30.69 10.39 27.98
CA SER C 41 29.33 10.68 27.61
C SER C 41 28.89 12.02 28.20
N GLN C 42 29.31 12.30 29.43
CA GLN C 42 28.94 13.52 30.12
C GLN C 42 29.62 14.76 29.52
N THR C 43 30.91 14.65 29.21
CA THR C 43 31.63 15.79 28.62
C THR C 43 31.49 15.92 27.11
N GLY C 44 31.31 14.80 26.41
CA GLY C 44 31.34 14.77 24.96
C GLY C 44 32.73 14.92 24.38
N ARG C 45 33.74 14.80 25.24
CA ARG C 45 35.15 14.97 24.86
C ARG C 45 35.89 13.64 24.89
N ASP C 46 36.17 13.10 23.71
CA ASP C 46 36.81 11.79 23.56
C ASP C 46 38.13 12.04 22.83
N LYS C 47 39.24 11.95 23.56
CA LYS C 47 40.56 12.14 22.95
C LYS C 47 41.12 10.87 22.29
N ASN C 48 40.47 9.71 22.40
CA ASN C 48 40.99 8.49 21.76
C ASN C 48 41.10 8.62 20.25
N GLN C 49 42.10 7.96 19.67
CA GLN C 49 42.17 7.91 18.21
C GLN C 49 41.21 6.82 17.72
N VAL C 50 40.40 7.18 16.73
CA VAL C 50 39.46 6.25 16.11
C VAL C 50 40.17 5.54 14.97
N GLU C 51 39.86 4.27 14.83
CA GLU C 51 40.45 3.42 13.82
C GLU C 51 39.35 2.55 13.21
N GLY C 52 39.45 2.32 11.91
CA GLY C 52 38.63 1.31 11.23
C GLY C 52 37.26 1.81 10.83
N GLU C 53 36.45 0.87 10.32
CA GLU C 53 35.16 1.19 9.70
C GLU C 53 33.97 0.95 10.61
N VAL C 54 34.07 -0.07 11.48
CA VAL C 54 32.94 -0.43 12.34
C VAL C 54 33.29 -0.15 13.80
N GLN C 55 32.49 0.69 14.42
CA GLN C 55 32.70 1.10 15.80
C GLN C 55 31.62 0.44 16.67
N ILE C 56 32.01 0.14 17.90
CA ILE C 56 31.08 -0.21 18.96
C ILE C 56 30.83 1.09 19.69
N VAL C 57 29.55 1.42 19.88
CA VAL C 57 29.12 2.67 20.48
C VAL C 57 28.15 2.39 21.64
N SER C 58 28.15 3.27 22.64
CA SER C 58 27.32 3.11 23.82
C SER C 58 26.62 4.43 24.16
N THR C 59 25.41 4.28 24.68
CA THR C 59 24.73 5.34 25.40
C THR C 59 24.71 4.88 26.84
N ALA C 60 24.02 5.62 27.71
CA ALA C 60 23.80 5.20 29.09
C ALA C 60 23.08 3.85 29.15
N THR C 61 22.19 3.56 28.21
CA THR C 61 21.31 2.39 28.34
C THR C 61 21.55 1.27 27.32
N GLN C 62 22.40 1.49 26.31
CA GLN C 62 22.50 0.55 25.20
C GLN C 62 23.90 0.55 24.57
N THR C 63 24.34 -0.61 24.09
CA THR C 63 25.53 -0.71 23.27
C THR C 63 25.17 -1.32 21.93
N PHE C 64 25.66 -0.71 20.86
CA PHE C 64 25.34 -1.14 19.51
C PHE C 64 26.51 -0.80 18.61
N LEU C 65 26.29 -0.79 17.30
CA LEU C 65 27.34 -0.55 16.31
C LEU C 65 27.08 0.69 15.48
N ALA C 66 28.14 1.21 14.89
CA ALA C 66 28.07 2.35 13.98
C ALA C 66 29.10 2.08 12.88
N THR C 67 28.71 2.35 11.64
CA THR C 67 29.50 2.01 10.47
C THR C 67 29.72 3.24 9.61
N SER C 68 30.98 3.45 9.20
CA SER C 68 31.31 4.58 8.35
C SER C 68 31.24 4.17 6.88
N ILE C 69 30.45 4.92 6.14
CA ILE C 69 30.25 4.71 4.71
C ILE C 69 30.18 6.10 4.09
N ASN C 70 30.99 6.33 3.06
CA ASN C 70 31.01 7.63 2.38
C ASN C 70 31.33 8.82 3.29
N GLY C 71 32.20 8.62 4.27
CA GLY C 71 32.64 9.72 5.12
C GLY C 71 31.68 10.15 6.22
N VAL C 72 30.64 9.33 6.46
CA VAL C 72 29.63 9.56 7.47
C VAL C 72 29.60 8.28 8.34
N LEU C 73 29.59 8.46 9.66
CA LEU C 73 29.44 7.36 10.60
C LEU C 73 27.96 7.20 10.86
N TRP C 74 27.42 6.07 10.41
CA TRP C 74 25.99 5.84 10.44
C TRP C 74 25.61 4.89 11.57
N THR C 75 24.42 5.10 12.13
CA THR C 75 23.82 4.15 13.05
C THR C 75 22.29 4.24 13.03
N VAL C 76 21.66 3.46 13.90
CA VAL C 76 20.23 3.41 14.02
C VAL C 76 19.70 4.47 14.98
N TYR C 77 18.57 5.05 14.58
CA TYR C 77 17.91 6.03 15.42
C TYR C 77 17.40 5.42 16.72
N HIS C 78 16.93 4.17 16.66
CA HIS C 78 16.40 3.53 17.85
C HIS C 78 17.49 3.32 18.90
N GLY C 79 18.75 3.37 18.47
CA GLY C 79 19.88 3.37 19.40
C GLY C 79 20.36 4.74 19.84
N ALA C 80 20.66 5.60 18.88
CA ALA C 80 21.28 6.89 19.16
C ALA C 80 20.30 8.03 19.46
N GLY C 81 19.06 7.89 19.02
CA GLY C 81 18.11 9.01 19.01
C GLY C 81 18.73 10.22 18.35
N THR C 82 18.54 11.40 18.94
CA THR C 82 19.11 12.63 18.42
C THR C 82 20.43 13.00 19.06
N ARG C 83 21.11 12.06 19.72
CA ARG C 83 22.24 12.41 20.57
C ARG C 83 23.44 12.88 19.74
N THR C 84 24.24 13.76 20.33
CA THR C 84 25.56 14.07 19.81
C THR C 84 26.48 12.85 19.99
N ILE C 85 27.61 12.88 19.30
CA ILE C 85 28.67 11.90 19.53
C ILE C 85 29.91 12.62 20.09
N ALA C 86 30.51 11.98 21.07
CA ALA C 86 31.74 12.49 21.69
C ALA C 86 32.86 12.45 20.68
N SER C 87 33.66 13.51 20.66
CA SER C 87 34.78 13.66 19.73
C SER C 87 35.94 14.42 20.36
N PRO C 88 37.12 14.39 19.72
CA PRO C 88 38.26 15.11 20.29
C PRO C 88 38.09 16.62 20.43
N LYS C 89 37.15 17.17 19.69
CA LYS C 89 36.87 18.60 19.72
C LYS C 89 35.57 18.94 20.46
N GLY C 90 34.99 17.96 21.15
CA GLY C 90 33.69 18.15 21.80
C GLY C 90 32.57 17.37 21.12
N PRO C 91 31.36 17.43 21.70
CA PRO C 91 30.19 16.69 21.23
C PRO C 91 29.80 17.22 19.87
N VAL C 92 29.60 16.29 18.93
CA VAL C 92 29.39 16.61 17.54
C VAL C 92 27.94 16.33 17.20
N THR C 93 27.23 17.35 16.72
CA THR C 93 25.84 17.21 16.36
C THR C 93 25.68 16.33 15.13
N GLN C 94 24.59 15.59 15.09
CA GLN C 94 24.25 14.78 13.93
C GLN C 94 24.14 15.60 12.63
N MET C 95 24.59 14.98 11.55
CA MET C 95 24.58 15.56 10.23
C MET C 95 23.30 15.16 9.52
N TYR C 96 22.79 13.97 9.87
CA TYR C 96 21.62 13.39 9.24
C TYR C 96 20.79 12.69 10.29
N THR C 97 19.49 12.88 10.23
CA THR C 97 18.56 12.21 11.15
C THR C 97 17.28 11.89 10.40
N ASN C 98 16.92 10.61 10.40
CA ASN C 98 15.68 10.21 9.76
C ASN C 98 15.07 9.05 10.52
N VAL C 99 14.14 9.35 11.42
CA VAL C 99 13.49 8.35 12.25
C VAL C 99 12.66 7.37 11.40
N ASP C 100 12.16 7.85 10.27
CA ASP C 100 11.38 6.99 9.40
C ASP C 100 12.21 5.89 8.73
N LYS C 101 13.48 6.16 8.44
CA LYS C 101 14.39 5.11 7.98
C LYS C 101 15.11 4.40 9.14
N ASP C 102 14.93 4.87 10.37
CA ASP C 102 15.63 4.42 11.57
C ASP C 102 17.13 4.67 11.44
N LEU C 103 17.51 5.85 10.96
CA LEU C 103 18.88 6.14 10.49
C LEU C 103 19.36 7.48 11.03
N VAL C 104 20.57 7.51 11.59
CA VAL C 104 21.25 8.74 11.91
C VAL C 104 22.70 8.65 11.45
N GLY C 105 23.30 9.82 11.37
CA GLY C 105 24.68 9.96 10.90
C GLY C 105 25.37 11.21 11.44
N TRP C 106 26.64 11.01 11.82
CA TRP C 106 27.58 12.08 12.14
C TRP C 106 28.72 12.10 11.12
N GLN C 107 29.39 13.23 10.97
CA GLN C 107 30.59 13.27 10.15
C GLN C 107 31.59 12.24 10.70
N ALA C 108 32.13 11.38 9.83
CA ALA C 108 33.06 10.35 10.30
C ALA C 108 34.21 10.94 11.14
N PRO C 109 34.58 10.30 12.25
CA PRO C 109 35.68 10.81 13.07
C PRO C 109 37.01 10.83 12.33
N GLN C 110 37.86 11.79 12.70
CA GLN C 110 39.20 11.84 12.16
C GLN C 110 39.86 10.49 12.40
N GLY C 111 40.50 9.95 11.37
CA GLY C 111 41.28 8.72 11.49
C GLY C 111 40.48 7.45 11.24
N SER C 112 39.16 7.60 11.12
CA SER C 112 38.32 6.49 10.73
C SER C 112 38.46 6.23 9.22
N ARG C 113 38.05 5.03 8.82
CA ARG C 113 38.11 4.62 7.41
C ARG C 113 36.68 4.28 7.01
N SER C 114 36.30 4.60 5.78
CA SER C 114 34.95 4.36 5.32
C SER C 114 34.90 3.15 4.41
N LEU C 115 33.81 2.40 4.50
CA LEU C 115 33.52 1.35 3.53
C LEU C 115 33.02 2.03 2.25
N THR C 116 33.17 1.31 1.14
CA THR C 116 32.69 1.83 -0.13
C THR C 116 31.38 1.09 -0.44
N PRO C 117 30.35 1.79 -0.95
CA PRO C 117 29.12 1.11 -1.29
C PRO C 117 29.30 0.03 -2.34
N CYS C 118 28.54 -1.05 -2.22
CA CYS C 118 28.60 -2.15 -3.17
C CYS C 118 27.92 -1.75 -4.46
N THR C 119 28.61 -1.97 -5.57
CA THR C 119 28.06 -1.77 -6.91
C THR C 119 27.99 -3.10 -7.65
N CYS C 120 28.25 -4.22 -6.98
CA CYS C 120 28.35 -5.50 -7.66
C CYS C 120 27.00 -6.24 -7.71
N GLY C 121 26.05 -5.79 -6.90
CA GLY C 121 24.71 -6.36 -6.87
C GLY C 121 24.64 -7.82 -6.45
N SER C 122 25.61 -8.28 -5.66
CA SER C 122 25.62 -9.66 -5.20
C SER C 122 24.44 -9.95 -4.27
N SER C 123 24.00 -11.20 -4.29
CA SER C 123 22.95 -11.68 -3.37
C SER C 123 23.54 -12.36 -2.13
N ASP C 124 24.85 -12.64 -2.13
CA ASP C 124 25.50 -13.28 -0.99
C ASP C 124 26.04 -12.20 -0.08
N LEU C 125 25.39 -12.00 1.06
CA LEU C 125 25.76 -10.95 1.99
C LEU C 125 26.35 -11.55 3.26
N TYR C 126 26.95 -10.67 4.07
CA TYR C 126 27.65 -11.08 5.29
C TYR C 126 27.42 -10.01 6.34
N LEU C 127 26.75 -10.41 7.42
CA LEU C 127 26.41 -9.50 8.50
C LEU C 127 27.47 -9.67 9.58
N VAL C 128 28.04 -8.55 9.98
CA VAL C 128 29.05 -8.52 11.03
C VAL C 128 28.41 -8.13 12.35
N THR C 129 28.58 -8.95 13.39
CA THR C 129 27.92 -8.73 14.67
C THR C 129 28.87 -8.01 15.63
N ARG C 130 28.33 -7.54 16.75
CA ARG C 130 29.14 -6.84 17.74
C ARG C 130 30.12 -7.78 18.42
N HIS C 131 29.91 -9.09 18.26
CA HIS C 131 30.87 -10.06 18.78
C HIS C 131 31.88 -10.46 17.70
N ALA C 132 31.84 -9.76 16.57
CA ALA C 132 32.69 -9.99 15.41
C ALA C 132 32.47 -11.33 14.71
N ASP C 133 31.25 -11.83 14.80
CA ASP C 133 30.85 -12.96 13.99
C ASP C 133 30.50 -12.42 12.62
N VAL C 134 30.76 -13.23 11.61
CA VAL C 134 30.40 -12.93 10.23
C VAL C 134 29.37 -13.97 9.83
N ILE C 135 28.14 -13.51 9.58
CA ILE C 135 26.98 -14.36 9.42
C ILE C 135 26.51 -14.28 7.98
N PRO C 136 26.45 -15.43 7.27
CA PRO C 136 25.98 -15.42 5.88
C PRO C 136 24.48 -15.11 5.78
N VAL C 137 24.14 -14.24 4.84
CA VAL C 137 22.76 -13.79 4.64
C VAL C 137 22.47 -13.77 3.14
N ARG C 138 21.33 -14.34 2.73
CA ARG C 138 20.93 -14.27 1.32
C ARG C 138 19.99 -13.09 1.11
N ARG C 139 20.35 -12.15 0.24
CA ARG C 139 19.50 -10.98 0.00
C ARG C 139 18.19 -11.46 -0.64
N ARG C 140 17.06 -11.02 -0.09
CA ARG C 140 15.74 -11.43 -0.59
C ARG C 140 14.90 -10.26 -1.10
N GLY C 141 15.32 -9.03 -0.82
CA GLY C 141 14.73 -7.83 -1.43
C GLY C 141 15.64 -6.63 -1.24
N ASP C 142 15.08 -5.43 -1.35
CA ASP C 142 15.88 -4.21 -1.16
C ASP C 142 16.35 -4.05 0.29
N SER C 143 15.58 -4.53 1.25
CA SER C 143 15.88 -4.29 2.66
C SER C 143 15.77 -5.51 3.57
N ARG C 144 15.74 -6.70 2.97
CA ARG C 144 15.58 -7.97 3.67
C ARG C 144 16.63 -8.98 3.21
N GLY C 145 17.11 -9.76 4.17
CA GLY C 145 17.95 -10.93 3.90
C GLY C 145 17.56 -12.11 4.76
N SER C 146 17.71 -13.33 4.27
CA SER C 146 17.43 -14.51 5.09
C SER C 146 18.74 -15.07 5.64
N LEU C 147 18.74 -15.48 6.90
CA LEU C 147 19.92 -16.12 7.48
C LEU C 147 20.05 -17.50 6.90
N LEU C 148 21.26 -17.89 6.53
CA LEU C 148 21.46 -19.23 5.98
C LEU C 148 21.28 -20.25 7.10
N SER C 149 21.66 -19.83 8.32
CA SER C 149 21.45 -20.62 9.53
C SER C 149 20.70 -19.82 10.58
N PRO C 150 19.51 -20.30 10.97
CA PRO C 150 18.86 -19.48 11.98
C PRO C 150 19.65 -19.45 13.28
N ARG C 151 19.41 -18.38 14.04
CA ARG C 151 20.04 -18.14 15.33
C ARG C 151 19.00 -17.64 16.31
N PRO C 152 19.27 -17.78 17.61
CA PRO C 152 18.47 -17.08 18.61
C PRO C 152 18.54 -15.59 18.38
N ILE C 153 17.44 -14.87 18.60
CA ILE C 153 17.45 -13.41 18.46
C ILE C 153 18.56 -12.79 19.31
N SER C 154 18.82 -13.37 20.48
CA SER C 154 19.83 -12.85 21.41
C SER C 154 21.20 -12.72 20.77
N TYR C 155 21.46 -13.54 19.76
CA TYR C 155 22.71 -13.52 19.05
C TYR C 155 22.97 -12.19 18.32
N LEU C 156 21.89 -11.58 17.85
CA LEU C 156 21.93 -10.37 17.05
C LEU C 156 21.78 -9.10 17.90
N LYS C 157 21.40 -9.27 19.17
CA LYS C 157 21.24 -8.16 20.10
C LYS C 157 22.51 -7.30 20.16
N GLY C 158 22.33 -6.01 20.00
CA GLY C 158 23.43 -5.08 20.10
C GLY C 158 24.27 -4.97 18.85
N SER C 159 23.80 -5.55 17.74
CA SER C 159 24.45 -5.45 16.46
C SER C 159 23.80 -4.44 15.50
N ALA C 160 22.65 -3.85 15.85
CA ALA C 160 22.05 -2.81 15.01
C ALA C 160 23.07 -1.69 14.76
N GLY C 161 23.13 -1.22 13.53
CA GLY C 161 24.12 -0.21 13.14
C GLY C 161 25.35 -0.79 12.46
N GLY C 162 25.48 -2.12 12.51
CA GLY C 162 26.57 -2.85 11.87
C GLY C 162 26.34 -3.07 10.39
N PRO C 163 27.38 -3.49 9.67
CA PRO C 163 27.26 -3.62 8.23
C PRO C 163 26.79 -4.97 7.74
N LEU C 164 26.06 -4.92 6.63
CA LEU C 164 25.96 -6.03 5.70
C LEU C 164 26.89 -5.76 4.52
N LEU C 165 27.77 -6.72 4.27
CA LEU C 165 28.84 -6.56 3.30
C LEU C 165 28.63 -7.55 2.16
N CYS C 166 29.12 -7.20 0.97
CA CYS C 166 29.13 -8.11 -0.18
C CYS C 166 30.37 -8.99 -0.06
N PRO C 167 30.50 -10.00 -0.95
CA PRO C 167 31.63 -10.91 -0.84
C PRO C 167 32.97 -10.18 -0.91
N ALA C 168 33.02 -9.05 -1.61
CA ALA C 168 34.27 -8.28 -1.73
C ALA C 168 34.48 -7.21 -0.66
N GLY C 169 33.64 -7.25 0.37
CA GLY C 169 33.79 -6.35 1.51
C GLY C 169 33.18 -4.97 1.38
N HIS C 170 32.34 -4.75 0.38
CA HIS C 170 31.69 -3.44 0.23
C HIS C 170 30.37 -3.36 0.97
N ALA C 171 29.96 -2.15 1.37
CA ALA C 171 28.74 -2.00 2.16
C ALA C 171 27.49 -2.14 1.30
N VAL C 172 26.61 -3.05 1.69
CA VAL C 172 25.31 -3.18 1.04
C VAL C 172 24.21 -2.57 1.90
N GLY C 173 24.39 -2.55 3.22
CA GLY C 173 23.41 -1.99 4.12
C GLY C 173 23.89 -1.91 5.55
N ILE C 174 23.02 -1.32 6.39
CA ILE C 174 23.20 -1.21 7.84
C ILE C 174 22.13 -2.05 8.51
N PHE C 175 22.52 -2.98 9.37
CA PHE C 175 21.58 -3.87 10.04
C PHE C 175 20.68 -3.08 10.99
N ARG C 176 19.38 -3.31 10.91
CA ARG C 176 18.33 -2.61 11.64
C ARG C 176 17.68 -3.50 12.71
N ALA C 177 17.18 -4.65 12.27
CA ALA C 177 16.29 -5.47 13.10
C ALA C 177 16.24 -6.91 12.62
N ALA C 178 16.10 -7.82 13.56
CA ALA C 178 15.92 -9.24 13.30
C ALA C 178 14.45 -9.55 13.02
N VAL C 179 14.20 -10.48 12.12
CA VAL C 179 12.86 -10.98 11.84
C VAL C 179 12.82 -12.41 12.38
N SER C 180 11.91 -12.67 13.30
CA SER C 180 11.88 -13.94 14.02
C SER C 180 10.49 -14.54 14.18
N THR C 181 10.49 -15.85 14.47
CA THR C 181 9.32 -16.60 14.91
C THR C 181 9.75 -17.45 16.08
N ARG C 182 9.05 -17.30 17.19
CA ARG C 182 9.26 -18.10 18.41
C ARG C 182 10.66 -17.96 18.96
N GLY C 183 11.19 -16.74 18.88
CA GLY C 183 12.54 -16.44 19.37
C GLY C 183 13.66 -16.91 18.47
N VAL C 184 13.36 -17.42 17.28
CA VAL C 184 14.41 -17.81 16.33
C VAL C 184 14.46 -16.81 15.18
N ALA C 185 15.58 -16.13 15.02
CA ALA C 185 15.76 -15.23 13.88
C ALA C 185 15.96 -16.01 12.59
N LYS C 186 15.13 -15.73 11.59
CA LYS C 186 15.33 -16.32 10.27
C LYS C 186 15.78 -15.33 9.18
N ALA C 187 15.65 -14.04 9.45
CA ALA C 187 15.97 -13.02 8.46
C ALA C 187 16.34 -11.73 9.15
N VAL C 188 16.87 -10.79 8.37
CA VAL C 188 17.28 -9.51 8.92
C VAL C 188 16.74 -8.40 8.02
N ASP C 189 16.38 -7.27 8.65
CA ASP C 189 15.96 -6.07 7.95
C ASP C 189 17.13 -5.10 8.04
N PHE C 190 17.40 -4.42 6.93
CA PHE C 190 18.54 -3.51 6.88
C PHE C 190 18.15 -2.30 6.06
N ILE C 191 18.90 -1.23 6.28
CA ILE C 191 18.74 0.04 5.59
C ILE C 191 19.72 -0.06 4.43
N PRO C 192 19.23 -0.05 3.18
CA PRO C 192 20.13 -0.22 2.04
C PRO C 192 21.06 0.98 1.85
N VAL C 193 22.25 0.71 1.33
CA VAL C 193 23.25 1.77 1.16
C VAL C 193 22.78 2.91 0.24
N GLU C 194 21.94 2.59 -0.74
CA GLU C 194 21.35 3.58 -1.65
C GLU C 194 20.52 4.62 -0.90
N SER C 195 19.97 4.19 0.22
CA SER C 195 19.15 5.02 1.07
C SER C 195 20.00 5.98 1.89
N LEU C 196 21.22 5.56 2.24
CA LEU C 196 22.20 6.45 2.83
C LEU C 196 22.61 7.51 1.81
N GLU C 197 22.85 7.08 0.57
CA GLU C 197 23.23 7.98 -0.51
C GLU C 197 22.18 9.06 -0.75
N THR C 198 20.92 8.65 -0.82
CA THR C 198 19.80 9.57 -1.00
C THR C 198 19.62 10.54 0.19
N THR C 199 19.88 10.06 1.41
CA THR C 199 19.87 10.91 2.60
C THR C 199 20.90 12.02 2.50
N MET C 200 22.09 11.70 1.99
CA MET C 200 23.15 12.72 1.85
C MET C 200 23.16 13.39 0.48
N HIS D 3 1.12 19.39 43.82
CA HIS D 3 0.97 18.80 42.46
C HIS D 3 -0.24 17.86 42.43
N MET D 4 -0.23 16.87 43.31
CA MET D 4 -1.33 15.91 43.35
C MET D 4 -2.59 16.55 43.89
N ALA D 5 -2.41 17.44 44.86
CA ALA D 5 -3.52 18.19 45.44
C ALA D 5 -4.21 19.04 44.38
N SER D 6 -3.45 19.55 43.42
CA SER D 6 -3.98 20.45 42.41
C SER D 6 -4.61 19.72 41.21
N MET D 7 -4.53 18.39 41.16
CA MET D 7 -4.98 17.61 40.01
C MET D 7 -6.48 17.69 39.77
N LYS D 8 -6.88 18.12 38.58
CA LYS D 8 -8.30 18.28 38.24
C LYS D 8 -8.96 16.95 37.83
N LYS D 9 -10.28 16.86 38.02
CA LYS D 9 -11.05 15.69 37.60
C LYS D 9 -11.79 16.10 36.36
N LYS D 10 -11.85 15.23 35.35
CA LYS D 10 -12.63 15.54 34.17
C LYS D 10 -14.11 15.45 34.56
N GLY D 11 -14.91 16.41 34.12
CA GLY D 11 -16.33 16.39 34.45
C GLY D 11 -17.12 15.37 33.67
N SER D 12 -18.41 15.29 34.00
CA SER D 12 -19.31 14.40 33.31
C SER D 12 -19.82 15.04 32.03
N VAL D 13 -20.26 14.21 31.10
CA VAL D 13 -21.10 14.62 29.97
C VAL D 13 -22.42 15.05 30.58
N VAL D 14 -23.01 16.12 30.04
CA VAL D 14 -24.26 16.68 30.52
C VAL D 14 -25.21 16.84 29.35
N ILE D 15 -26.44 16.38 29.57
CA ILE D 15 -27.51 16.52 28.61
C ILE D 15 -27.93 18.00 28.71
N VAL D 16 -27.81 18.72 27.59
CA VAL D 16 -28.16 20.13 27.54
C VAL D 16 -29.38 20.40 26.67
N GLY D 17 -29.90 19.37 26.01
CA GLY D 17 -31.05 19.59 25.14
C GLY D 17 -31.42 18.28 24.47
N ARG D 18 -32.33 18.38 23.51
CA ARG D 18 -32.77 17.21 22.77
C ARG D 18 -33.20 17.60 21.37
N ILE D 19 -33.19 16.62 20.48
CA ILE D 19 -33.82 16.76 19.19
C ILE D 19 -35.18 16.10 19.31
N ASN D 20 -36.20 16.93 19.32
CA ASN D 20 -37.56 16.44 19.49
C ASN D 20 -38.08 15.89 18.18
N LEU D 21 -38.36 14.59 18.19
CA LEU D 21 -38.87 13.86 17.04
C LEU D 21 -40.19 13.17 17.41
N SER D 22 -40.81 13.59 18.51
CA SER D 22 -42.04 12.96 19.00
C SER D 22 -43.27 13.35 18.18
N GLY D 23 -43.18 14.44 17.43
CA GLY D 23 -44.31 14.97 16.65
C GLY D 23 -44.19 14.90 15.13
N ASP D 24 -44.78 15.88 14.45
CA ASP D 24 -44.79 15.94 12.99
C ASP D 24 -43.65 16.81 12.45
N THR D 25 -43.00 17.54 13.36
CA THR D 25 -41.93 18.46 13.03
C THR D 25 -40.74 18.11 13.91
N ALA D 26 -39.54 18.12 13.34
CA ALA D 26 -38.33 17.93 14.14
C ALA D 26 -37.85 19.31 14.61
N TYR D 27 -37.45 19.41 15.87
CA TYR D 27 -36.82 20.66 16.32
C TYR D 27 -35.95 20.40 17.53
N ALA D 28 -34.94 21.23 17.68
CA ALA D 28 -34.03 21.17 18.81
C ALA D 28 -34.63 21.95 19.96
N GLN D 29 -34.45 21.44 21.17
CA GLN D 29 -34.83 22.19 22.37
C GLN D 29 -33.58 22.29 23.22
N GLN D 30 -33.38 23.43 23.87
CA GLN D 30 -32.35 23.57 24.90
C GLN D 30 -33.00 23.44 26.27
N THR D 31 -32.38 22.62 27.12
CA THR D 31 -32.85 22.34 28.48
C THR D 31 -31.92 22.89 29.56
N ARG D 32 -30.65 23.17 29.24
CA ARG D 32 -29.71 23.81 30.15
C ARG D 32 -28.86 24.82 29.41
N GLY D 33 -28.66 25.99 30.02
CA GLY D 33 -27.72 26.97 29.52
C GLY D 33 -26.32 26.68 30.03
N GLU D 34 -25.40 27.55 29.66
CA GLU D 34 -23.97 27.32 29.85
C GLU D 34 -23.56 27.18 31.32
N GLU D 35 -24.12 27.99 32.22
CA GLU D 35 -23.72 27.98 33.62
C GLU D 35 -24.22 26.72 34.32
N GLY D 36 -25.47 26.34 34.04
CA GLY D 36 -26.03 25.09 34.54
C GLY D 36 -25.25 23.88 34.03
N CYS D 37 -24.84 23.95 32.76
CA CYS D 37 -24.06 22.86 32.20
C CYS D 37 -22.75 22.66 32.94
N GLN D 38 -22.03 23.75 33.17
CA GLN D 38 -20.74 23.67 33.85
C GLN D 38 -20.88 23.12 35.28
N GLU D 39 -21.81 23.65 36.05
CA GLU D 39 -22.03 23.16 37.41
C GLU D 39 -22.36 21.66 37.38
N THR D 40 -23.26 21.27 36.48
CA THR D 40 -23.72 19.88 36.39
C THR D 40 -22.59 18.96 35.96
N SER D 41 -21.69 19.44 35.12
CA SER D 41 -20.53 18.67 34.67
C SER D 41 -19.66 18.33 35.90
N GLN D 42 -19.59 19.28 36.83
CA GLN D 42 -18.78 19.15 38.05
C GLN D 42 -19.38 18.20 39.08
N THR D 43 -20.68 18.35 39.37
CA THR D 43 -21.31 17.51 40.38
C THR D 43 -21.65 16.15 39.82
N GLY D 44 -22.01 16.11 38.54
CA GLY D 44 -22.52 14.91 37.92
C GLY D 44 -23.94 14.59 38.34
N ARG D 45 -24.65 15.55 38.91
CA ARG D 45 -26.03 15.35 39.36
C ARG D 45 -26.95 16.22 38.53
N ASP D 46 -27.73 15.59 37.66
CA ASP D 46 -28.65 16.28 36.77
C ASP D 46 -30.04 15.78 37.13
N LYS D 47 -30.85 16.67 37.73
CA LYS D 47 -32.22 16.33 38.15
C LYS D 47 -33.28 16.62 37.08
N ASN D 48 -32.88 17.06 35.88
CA ASN D 48 -33.83 17.17 34.79
C ASN D 48 -34.30 15.79 34.36
N GLN D 49 -35.60 15.64 34.11
CA GLN D 49 -36.12 14.41 33.55
C GLN D 49 -35.73 14.35 32.07
N VAL D 50 -35.20 13.20 31.67
CA VAL D 50 -34.82 12.98 30.29
C VAL D 50 -36.06 12.58 29.49
N GLU D 51 -36.24 13.20 28.33
CA GLU D 51 -37.27 12.79 27.38
C GLU D 51 -36.69 12.67 25.97
N GLY D 52 -37.32 11.81 25.19
CA GLY D 52 -36.99 11.58 23.78
C GLY D 52 -35.87 10.59 23.64
N GLU D 53 -35.53 10.31 22.37
CA GLU D 53 -34.56 9.32 22.03
C GLU D 53 -33.20 9.94 21.66
N VAL D 54 -33.20 11.22 21.30
CA VAL D 54 -31.99 11.88 20.86
C VAL D 54 -31.69 13.08 21.75
N GLN D 55 -30.57 13.00 22.45
CA GLN D 55 -30.15 14.01 23.40
C GLN D 55 -29.01 14.83 22.81
N ILE D 56 -28.94 16.10 23.19
CA ILE D 56 -27.86 16.98 22.84
C ILE D 56 -27.03 16.99 24.13
N VAL D 57 -25.73 16.71 24.01
CA VAL D 57 -24.82 16.52 25.13
C VAL D 57 -23.62 17.46 25.02
N SER D 58 -23.05 17.82 26.17
CA SER D 58 -21.88 18.69 26.22
C SER D 58 -20.82 18.18 27.20
N THR D 59 -19.56 18.39 26.83
CA THR D 59 -18.44 18.34 27.76
C THR D 59 -18.04 19.79 27.96
N ALA D 60 -16.91 20.05 28.62
CA ALA D 60 -16.41 21.42 28.73
C ALA D 60 -16.01 22.00 27.38
N THR D 61 -15.57 21.16 26.45
CA THR D 61 -15.03 21.69 25.21
C THR D 61 -15.83 21.43 23.94
N GLN D 62 -16.81 20.53 23.98
CA GLN D 62 -17.54 20.10 22.79
C GLN D 62 -19.03 19.90 23.08
N THR D 63 -19.87 20.10 22.07
CA THR D 63 -21.26 19.69 22.16
C THR D 63 -21.55 18.79 20.98
N PHE D 64 -22.31 17.73 21.22
CA PHE D 64 -22.60 16.75 20.20
C PHE D 64 -23.88 16.01 20.59
N LEU D 65 -24.21 14.91 19.93
CA LEU D 65 -25.43 14.14 20.18
C LEU D 65 -25.18 12.76 20.77
N ALA D 66 -26.25 12.22 21.34
CA ALA D 66 -26.26 10.87 21.88
C ALA D 66 -27.65 10.33 21.60
N THR D 67 -27.72 9.05 21.25
CA THR D 67 -28.94 8.38 20.81
C THR D 67 -29.20 7.12 21.63
N SER D 68 -30.43 7.02 22.15
CA SER D 68 -30.90 5.84 22.88
C SER D 68 -31.45 4.72 21.98
N ILE D 69 -30.75 3.58 22.05
CA ILE D 69 -31.11 2.38 21.31
C ILE D 69 -30.94 1.20 22.24
N ASN D 70 -31.94 0.31 22.26
CA ASN D 70 -31.92 -0.90 23.07
C ASN D 70 -31.67 -0.63 24.56
N GLY D 71 -32.16 0.49 25.09
CA GLY D 71 -31.94 0.81 26.51
C GLY D 71 -30.57 1.35 26.91
N VAL D 72 -29.78 1.75 25.92
CA VAL D 72 -28.46 2.29 26.11
C VAL D 72 -28.41 3.62 25.35
N LEU D 73 -27.94 4.67 26.03
CA LEU D 73 -27.63 5.95 25.40
C LEU D 73 -26.22 5.91 24.82
N TRP D 74 -26.14 5.94 23.49
CA TRP D 74 -24.88 5.76 22.76
C TRP D 74 -24.38 7.09 22.26
N THR D 75 -23.05 7.22 22.24
CA THR D 75 -22.39 8.33 21.59
C THR D 75 -21.00 7.91 21.11
N VAL D 76 -20.30 8.86 20.51
CA VAL D 76 -18.95 8.68 19.97
C VAL D 76 -17.86 8.86 21.05
N TYR D 77 -16.96 7.89 21.09
CA TYR D 77 -15.79 7.97 21.94
C TYR D 77 -15.01 9.27 21.72
N HIS D 78 -14.88 9.73 20.47
CA HIS D 78 -14.13 10.94 20.19
C HIS D 78 -14.73 12.23 20.76
N GLY D 79 -15.99 12.17 21.20
CA GLY D 79 -16.66 13.27 21.90
C GLY D 79 -16.67 13.03 23.40
N ALA D 80 -16.99 11.81 23.84
CA ALA D 80 -17.22 11.55 25.23
C ALA D 80 -15.97 11.07 25.99
N GLY D 81 -15.01 10.50 25.27
CA GLY D 81 -13.92 9.74 25.90
C GLY D 81 -14.47 8.74 26.89
N THR D 82 -13.79 8.57 28.02
CA THR D 82 -14.26 7.68 29.08
C THR D 82 -15.13 8.36 30.13
N ARG D 83 -15.70 9.51 29.81
CA ARG D 83 -16.46 10.29 30.78
C ARG D 83 -17.73 9.60 31.32
N THR D 84 -18.01 9.89 32.59
CA THR D 84 -19.33 9.59 33.16
C THR D 84 -20.37 10.55 32.56
N ILE D 85 -21.65 10.22 32.71
CA ILE D 85 -22.74 11.12 32.35
C ILE D 85 -23.50 11.54 33.61
N ALA D 86 -23.88 12.80 33.66
CA ALA D 86 -24.62 13.28 34.82
C ALA D 86 -26.02 12.69 34.85
N SER D 87 -26.53 12.41 36.05
CA SER D 87 -27.84 11.76 36.19
C SER D 87 -28.49 12.13 37.53
N PRO D 88 -29.81 11.87 37.68
CA PRO D 88 -30.56 12.20 38.89
C PRO D 88 -30.00 11.55 40.16
N LYS D 89 -29.31 10.43 40.01
CA LYS D 89 -28.69 9.75 41.13
C LYS D 89 -27.17 9.91 41.15
N GLY D 90 -26.63 10.92 40.47
CA GLY D 90 -25.18 11.10 40.39
C GLY D 90 -24.58 10.61 39.08
N PRO D 91 -23.25 10.73 38.93
CA PRO D 91 -22.61 10.40 37.67
C PRO D 91 -22.66 8.91 37.41
N VAL D 92 -22.98 8.55 36.17
CA VAL D 92 -23.13 7.16 35.78
C VAL D 92 -21.94 6.74 34.91
N THR D 93 -21.28 5.67 35.33
CA THR D 93 -20.15 5.13 34.61
C THR D 93 -20.61 4.51 33.29
N GLN D 94 -19.76 4.56 32.28
CA GLN D 94 -20.04 3.93 31.01
C GLN D 94 -20.24 2.42 31.17
N MET D 95 -21.20 1.90 30.42
CA MET D 95 -21.57 0.50 30.38
C MET D 95 -20.74 -0.17 29.31
N TYR D 96 -20.55 0.55 28.21
CA TYR D 96 -19.81 0.06 27.06
C TYR D 96 -18.81 1.13 26.61
N THR D 97 -17.59 0.71 26.31
CA THR D 97 -16.55 1.61 25.79
C THR D 97 -15.74 0.84 24.78
N ASN D 98 -15.70 1.35 23.56
CA ASN D 98 -14.90 0.74 22.50
C ASN D 98 -14.31 1.79 21.55
N VAL D 99 -13.10 2.24 21.88
CA VAL D 99 -12.36 3.22 21.11
C VAL D 99 -12.20 2.76 19.66
N ASP D 100 -12.06 1.46 19.43
CA ASP D 100 -11.83 0.98 18.08
C ASP D 100 -13.08 1.17 17.23
N LYS D 101 -14.27 1.17 17.83
CA LYS D 101 -15.51 1.38 17.06
C LYS D 101 -15.95 2.84 17.17
N ASP D 102 -15.21 3.61 17.97
CA ASP D 102 -15.50 5.01 18.29
C ASP D 102 -16.83 5.19 19.01
N LEU D 103 -17.14 4.24 19.89
CA LEU D 103 -18.45 4.06 20.47
C LEU D 103 -18.35 3.96 21.99
N VAL D 104 -19.25 4.67 22.67
CA VAL D 104 -19.44 4.49 24.11
C VAL D 104 -20.94 4.43 24.38
N GLY D 105 -21.29 3.87 25.51
CA GLY D 105 -22.67 3.84 25.96
C GLY D 105 -22.85 3.85 27.46
N TRP D 106 -23.95 4.46 27.90
CA TRP D 106 -24.38 4.43 29.29
C TRP D 106 -25.80 3.84 29.31
N GLN D 107 -26.19 3.24 30.44
CA GLN D 107 -27.58 2.79 30.62
C GLN D 107 -28.56 3.94 30.34
N ALA D 108 -29.64 3.67 29.63
CA ALA D 108 -30.60 4.71 29.24
C ALA D 108 -31.19 5.38 30.46
N PRO D 109 -31.24 6.72 30.44
CA PRO D 109 -31.79 7.47 31.56
C PRO D 109 -33.29 7.21 31.74
N GLN D 110 -33.74 7.23 32.98
CA GLN D 110 -35.16 7.14 33.30
C GLN D 110 -35.90 8.30 32.62
N GLY D 111 -37.02 8.00 31.96
CA GLY D 111 -37.79 8.98 31.21
C GLY D 111 -37.53 8.95 29.71
N SER D 112 -36.40 8.39 29.30
CA SER D 112 -36.07 8.27 27.88
C SER D 112 -36.75 7.05 27.26
N ARG D 113 -37.06 7.16 25.97
CA ARG D 113 -37.51 6.02 25.20
C ARG D 113 -36.36 5.68 24.28
N SER D 114 -36.31 4.43 23.85
CA SER D 114 -35.27 3.96 22.96
C SER D 114 -35.84 3.75 21.57
N LEU D 115 -35.02 4.03 20.58
CA LEU D 115 -35.33 3.64 19.23
C LEU D 115 -35.18 2.13 19.02
N THR D 116 -35.93 1.61 18.07
CA THR D 116 -35.80 0.20 17.71
C THR D 116 -34.77 0.08 16.59
N PRO D 117 -33.94 -0.98 16.64
CA PRO D 117 -32.99 -1.21 15.55
C PRO D 117 -33.69 -1.51 14.23
N CYS D 118 -33.18 -0.95 13.14
CA CYS D 118 -33.81 -1.20 11.85
C CYS D 118 -33.42 -2.59 11.39
N THR D 119 -34.38 -3.30 10.81
CA THR D 119 -34.08 -4.60 10.20
C THR D 119 -34.60 -4.70 8.77
N CYS D 120 -34.94 -3.58 8.15
CA CYS D 120 -35.62 -3.61 6.84
C CYS D 120 -34.71 -3.44 5.62
N GLY D 121 -33.43 -3.19 5.83
CA GLY D 121 -32.48 -3.12 4.72
C GLY D 121 -32.83 -2.04 3.71
N SER D 122 -33.37 -0.93 4.19
CA SER D 122 -33.75 0.18 3.33
C SER D 122 -32.53 0.88 2.75
N SER D 123 -32.64 1.35 1.51
CA SER D 123 -31.61 2.18 0.89
C SER D 123 -31.73 3.63 1.34
N ASP D 124 -32.93 4.04 1.72
CA ASP D 124 -33.21 5.44 2.05
C ASP D 124 -32.97 5.64 3.53
N LEU D 125 -32.05 6.53 3.88
CA LEU D 125 -31.79 6.80 5.29
C LEU D 125 -31.98 8.28 5.54
N TYR D 126 -32.04 8.62 6.83
CA TYR D 126 -32.26 9.98 7.26
C TYR D 126 -31.36 10.30 8.44
N LEU D 127 -30.48 11.28 8.24
CA LEU D 127 -29.56 11.70 9.28
C LEU D 127 -30.21 12.87 9.99
N VAL D 128 -30.19 12.79 11.31
CA VAL D 128 -30.73 13.88 12.13
C VAL D 128 -29.56 14.69 12.72
N THR D 129 -29.51 15.98 12.41
CA THR D 129 -28.44 16.85 12.89
C THR D 129 -28.77 17.53 14.21
N ARG D 130 -27.75 18.10 14.84
CA ARG D 130 -27.95 18.81 16.12
C ARG D 130 -28.83 20.06 16.00
N HIS D 131 -29.08 20.49 14.77
CA HIS D 131 -29.99 21.58 14.49
C HIS D 131 -31.35 21.07 14.04
N ALA D 132 -31.52 19.76 14.15
CA ALA D 132 -32.78 19.08 13.91
C ALA D 132 -33.14 19.12 12.42
N ASP D 133 -32.12 19.22 11.57
CA ASP D 133 -32.34 19.02 10.17
C ASP D 133 -32.39 17.52 9.95
N VAL D 134 -33.25 17.12 9.02
CA VAL D 134 -33.40 15.71 8.67
C VAL D 134 -32.90 15.59 7.25
N ILE D 135 -31.72 15.01 7.09
CA ILE D 135 -30.98 15.04 5.84
C ILE D 135 -31.09 13.68 5.16
N PRO D 136 -31.62 13.62 3.92
CA PRO D 136 -31.66 12.32 3.24
C PRO D 136 -30.28 11.82 2.82
N VAL D 137 -30.10 10.53 3.06
CA VAL D 137 -28.83 9.83 2.86
C VAL D 137 -29.20 8.53 2.17
N ARG D 138 -28.39 8.11 1.21
CA ARG D 138 -28.60 6.82 0.55
C ARG D 138 -27.51 5.83 1.00
N ARG D 139 -27.91 4.65 1.43
CA ARG D 139 -26.92 3.73 2.01
C ARG D 139 -26.01 3.19 0.93
N ARG D 140 -24.72 3.07 1.24
CA ARG D 140 -23.74 2.64 0.25
C ARG D 140 -23.12 1.30 0.58
N GLY D 141 -22.88 1.06 1.86
CA GLY D 141 -22.47 -0.27 2.32
C GLY D 141 -22.88 -0.35 3.77
N ASP D 142 -22.15 -1.12 4.57
CA ASP D 142 -22.47 -1.28 5.99
C ASP D 142 -22.43 0.00 6.82
N SER D 143 -21.45 0.87 6.55
CA SER D 143 -21.19 2.00 7.44
C SER D 143 -20.98 3.35 6.70
N ARG D 144 -21.54 3.45 5.51
CA ARG D 144 -21.47 4.67 4.71
C ARG D 144 -22.78 4.96 4.01
N GLY D 145 -23.11 6.24 3.93
CA GLY D 145 -24.21 6.69 3.09
C GLY D 145 -23.83 7.95 2.35
N SER D 146 -24.43 8.19 1.18
CA SER D 146 -24.08 9.39 0.41
C SER D 146 -25.14 10.43 0.67
N LEU D 147 -24.71 11.68 0.79
CA LEU D 147 -25.67 12.77 0.89
C LEU D 147 -26.22 13.08 -0.51
N LEU D 148 -27.52 13.30 -0.58
CA LEU D 148 -28.12 13.68 -1.88
C LEU D 148 -27.79 15.13 -2.23
N SER D 149 -27.67 15.99 -1.21
CA SER D 149 -27.24 17.38 -1.36
C SER D 149 -25.94 17.65 -0.64
N PRO D 150 -24.90 18.05 -1.37
CA PRO D 150 -23.64 18.42 -0.72
C PRO D 150 -23.81 19.47 0.36
N ARG D 151 -23.04 19.34 1.44
CA ARG D 151 -23.03 20.33 2.51
C ARG D 151 -21.61 20.60 2.96
N PRO D 152 -21.35 21.82 3.45
CA PRO D 152 -20.07 22.09 4.09
C PRO D 152 -19.92 21.25 5.35
N ILE D 153 -18.68 20.87 5.67
CA ILE D 153 -18.39 20.09 6.86
C ILE D 153 -18.93 20.76 8.12
N SER D 154 -18.87 22.09 8.16
CA SER D 154 -19.31 22.87 9.31
C SER D 154 -20.77 22.61 9.65
N TYR D 155 -21.58 22.24 8.67
CA TYR D 155 -22.99 21.92 8.88
C TYR D 155 -23.19 20.67 9.70
N LEU D 156 -22.22 19.75 9.62
CA LEU D 156 -22.30 18.47 10.32
C LEU D 156 -21.51 18.44 11.64
N LYS D 157 -20.66 19.43 11.88
CA LYS D 157 -19.91 19.58 13.13
C LYS D 157 -20.89 19.67 14.28
N GLY D 158 -20.65 18.83 15.28
CA GLY D 158 -21.51 18.77 16.45
C GLY D 158 -22.68 17.82 16.34
N SER D 159 -22.79 17.05 15.25
CA SER D 159 -23.86 16.06 15.11
C SER D 159 -23.38 14.61 15.31
N ALA D 160 -22.08 14.40 15.54
CA ALA D 160 -21.58 13.06 15.85
C ALA D 160 -22.39 12.50 17.04
N GLY D 161 -22.74 11.24 16.94
CA GLY D 161 -23.56 10.56 17.94
C GLY D 161 -25.05 10.55 17.63
N GLY D 162 -25.47 11.28 16.61
CA GLY D 162 -26.88 11.33 16.23
C GLY D 162 -27.25 10.15 15.36
N PRO D 163 -28.55 9.94 15.14
CA PRO D 163 -29.00 8.72 14.49
C PRO D 163 -29.08 8.84 12.98
N LEU D 164 -28.85 7.72 12.29
CA LEU D 164 -29.29 7.56 10.92
C LEU D 164 -30.53 6.68 11.05
N LEU D 165 -31.65 7.16 10.54
CA LEU D 165 -32.91 6.43 10.66
C LEU D 165 -33.36 5.90 9.30
N CYS D 166 -34.11 4.80 9.30
CA CYS D 166 -34.80 4.34 8.10
C CYS D 166 -36.10 5.13 7.89
N PRO D 167 -36.77 4.90 6.76
CA PRO D 167 -37.96 5.72 6.51
C PRO D 167 -39.03 5.51 7.60
N ALA D 168 -39.00 4.35 8.26
CA ALA D 168 -39.93 4.07 9.36
C ALA D 168 -39.49 4.58 10.74
N GLY D 169 -38.36 5.28 10.82
CA GLY D 169 -37.84 5.85 12.07
C GLY D 169 -37.13 4.88 13.00
N HIS D 170 -36.69 3.75 12.45
CA HIS D 170 -35.86 2.82 13.20
C HIS D 170 -34.39 3.19 13.04
N ALA D 171 -33.58 2.83 14.03
CA ALA D 171 -32.16 3.19 14.05
C ALA D 171 -31.36 2.28 13.12
N VAL D 172 -30.67 2.90 12.18
CA VAL D 172 -29.74 2.16 11.32
C VAL D 172 -28.29 2.27 11.82
N GLY D 173 -27.97 3.36 12.48
CA GLY D 173 -26.57 3.69 12.76
C GLY D 173 -26.44 4.97 13.57
N ILE D 174 -25.27 5.16 14.18
CA ILE D 174 -24.88 6.41 14.86
C ILE D 174 -23.87 7.15 13.97
N PHE D 175 -24.16 8.38 13.58
CA PHE D 175 -23.28 9.19 12.76
C PHE D 175 -21.94 9.42 13.46
N ARG D 176 -20.83 9.20 12.76
CA ARG D 176 -19.55 9.50 13.42
C ARG D 176 -18.62 10.48 12.71
N ALA D 177 -18.66 10.55 11.38
CA ALA D 177 -17.65 11.34 10.66
C ALA D 177 -18.16 11.73 9.27
N ALA D 178 -17.78 12.91 8.79
CA ALA D 178 -18.14 13.33 7.44
C ALA D 178 -17.04 12.88 6.50
N VAL D 179 -17.42 12.51 5.28
CA VAL D 179 -16.45 12.22 4.22
C VAL D 179 -16.53 13.36 3.20
N SER D 180 -15.42 14.04 2.96
CA SER D 180 -15.47 15.32 2.30
C SER D 180 -14.28 15.54 1.40
N THR D 181 -14.48 16.35 0.36
CA THR D 181 -13.40 16.85 -0.50
C THR D 181 -13.49 18.37 -0.53
N ARG D 182 -12.33 19.03 -0.41
CA ARG D 182 -12.26 20.49 -0.43
C ARG D 182 -13.27 21.12 0.53
N GLY D 183 -13.53 20.44 1.63
CA GLY D 183 -14.41 20.96 2.68
C GLY D 183 -15.90 20.78 2.48
N VAL D 184 -16.28 20.07 1.41
CA VAL D 184 -17.68 19.83 1.10
C VAL D 184 -17.92 18.35 1.34
N ALA D 185 -18.86 18.03 2.22
CA ALA D 185 -19.18 16.66 2.58
C ALA D 185 -20.14 16.08 1.55
N LYS D 186 -19.79 14.91 1.01
CA LYS D 186 -20.68 14.22 0.09
C LYS D 186 -21.17 12.87 0.62
N ALA D 187 -20.62 12.44 1.76
CA ALA D 187 -21.02 11.19 2.42
C ALA D 187 -20.76 11.24 3.92
N VAL D 188 -21.36 10.27 4.61
CA VAL D 188 -21.25 10.18 6.05
C VAL D 188 -20.87 8.73 6.39
N ASP D 189 -20.04 8.61 7.42
CA ASP D 189 -19.64 7.36 8.02
C ASP D 189 -20.39 7.25 9.34
N PHE D 190 -20.97 6.08 9.57
CA PHE D 190 -21.69 5.82 10.80
C PHE D 190 -21.29 4.47 11.41
N ILE D 191 -21.67 4.28 12.67
CA ILE D 191 -21.49 3.02 13.35
C ILE D 191 -22.80 2.24 13.19
N PRO D 192 -22.77 1.08 12.52
CA PRO D 192 -24.07 0.45 12.26
C PRO D 192 -24.67 -0.15 13.51
N VAL D 193 -26.00 -0.21 13.51
CA VAL D 193 -26.74 -0.65 14.70
C VAL D 193 -26.41 -2.08 15.13
N GLU D 194 -25.97 -2.91 14.18
CA GLU D 194 -25.59 -4.30 14.44
C GLU D 194 -24.38 -4.33 15.38
N SER D 195 -23.51 -3.34 15.23
CA SER D 195 -22.27 -3.26 15.97
C SER D 195 -22.48 -2.82 17.42
N LEU D 196 -23.54 -2.06 17.67
CA LEU D 196 -23.97 -1.77 19.04
C LEU D 196 -24.46 -3.04 19.72
N GLU D 197 -25.19 -3.87 18.98
CA GLU D 197 -25.75 -5.11 19.52
C GLU D 197 -24.65 -6.14 19.78
N THR D 198 -23.60 -6.13 18.97
CA THR D 198 -22.41 -6.97 19.22
C THR D 198 -21.70 -6.53 20.50
N THR D 199 -21.61 -5.22 20.73
CA THR D 199 -21.05 -4.67 21.97
C THR D 199 -21.87 -5.16 23.18
N MET D 200 -23.20 -5.09 23.12
CA MET D 200 -24.07 -5.49 24.26
C MET D 200 -24.60 -6.93 24.22
N SER E 1 -21.96 -25.58 14.85
CA SER E 1 -21.17 -26.82 14.53
C SER E 1 -20.17 -26.58 13.40
N GLU E 2 -18.89 -26.45 13.76
CA GLU E 2 -17.79 -26.11 12.84
C GLU E 2 -17.54 -27.18 11.77
N CYS E 3 -17.51 -26.75 10.52
CA CYS E 3 -17.05 -27.61 9.41
C CYS E 3 -15.95 -26.87 8.63
N THR E 4 -14.74 -27.44 8.61
CA THR E 4 -13.64 -26.89 7.82
C THR E 4 -13.81 -27.40 6.39
N THR E 5 -14.05 -26.47 5.47
CA THR E 5 -14.45 -26.79 4.10
C THR E 5 -13.33 -26.36 3.16
N PRO E 6 -12.65 -27.35 2.52
CA PRO E 6 -11.70 -27.00 1.45
C PRO E 6 -12.44 -26.27 0.35
N CYS E 7 -11.90 -25.16 -0.14
CA CYS E 7 -12.66 -24.37 -1.10
C CYS E 7 -12.21 -24.57 -2.56
N SER F 1 3.62 -15.95 12.03
CA SER F 1 3.58 -14.47 11.83
C SER F 1 4.86 -13.79 12.33
N GLU F 2 5.47 -12.99 11.46
CA GLU F 2 6.79 -12.40 11.70
C GLU F 2 6.74 -11.29 12.73
N CYS F 3 7.57 -11.44 13.76
CA CYS F 3 7.77 -10.39 14.74
C CYS F 3 9.14 -9.74 14.52
N THR F 4 9.22 -8.46 14.90
CA THR F 4 10.37 -7.62 14.60
C THR F 4 10.96 -7.04 15.89
N THR F 5 12.25 -7.25 16.02
CA THR F 5 13.04 -6.87 17.19
C THR F 5 14.19 -5.99 16.70
N PRO F 6 14.08 -4.67 16.91
CA PRO F 6 15.23 -3.80 16.68
C PRO F 6 16.41 -4.26 17.52
N CYS F 7 17.61 -4.29 16.94
CA CYS F 7 18.79 -4.81 17.65
C CYS F 7 19.75 -3.74 18.20
N SER G 1 -8.97 14.63 -3.48
CA SER G 1 -8.50 13.76 -2.36
C SER G 1 -9.49 13.67 -1.18
N GLU G 2 -10.20 12.54 -1.13
CA GLU G 2 -11.20 12.26 -0.09
C GLU G 2 -10.57 12.08 1.28
N CYS G 3 -11.14 12.74 2.28
CA CYS G 3 -10.73 12.56 3.68
C CYS G 3 -11.95 12.50 4.61
N THR G 4 -11.73 11.94 5.80
CA THR G 4 -12.79 11.67 6.76
C THR G 4 -12.58 12.43 8.08
N THR G 5 -13.56 13.25 8.44
CA THR G 5 -13.46 14.18 9.56
C THR G 5 -14.46 13.84 10.66
N PRO G 6 -13.95 13.34 11.80
CA PRO G 6 -14.81 13.08 12.96
C PRO G 6 -15.64 14.31 13.32
N CYS G 7 -16.93 14.13 13.56
CA CYS G 7 -17.81 15.29 13.75
C CYS G 7 -18.22 15.59 15.19
#